data_2JZM
#
_entry.id   2JZM
#
_entity_poly.entity_id   1
_entity_poly.type   'polypeptide(L)'
_entity_poly.pdbx_seq_one_letter_code
;DRICTNCCAGTKGCKYFSDDGTFVCEGESDPRNPKACTLNCDPRIAYGVCPRS
;
_entity_poly.pdbx_strand_id   A
#
# COMPACT_ATOMS: atom_id res chain seq x y z
N ASP A 1 8.07 -7.58 13.37
CA ASP A 1 7.47 -7.79 12.06
C ASP A 1 5.98 -7.99 12.22
N ARG A 2 5.21 -7.13 11.61
CA ARG A 2 3.76 -7.16 11.71
C ARG A 2 3.18 -6.58 10.44
N ILE A 3 2.92 -7.43 9.48
CA ILE A 3 2.42 -7.02 8.16
C ILE A 3 0.94 -6.57 8.23
N CYS A 4 0.74 -5.38 8.72
CA CYS A 4 -0.56 -4.84 8.84
C CYS A 4 -0.75 -3.68 7.91
N THR A 5 -0.11 -3.79 6.79
CA THR A 5 -0.24 -2.85 5.73
C THR A 5 -1.54 -3.17 4.99
N ASN A 6 -2.20 -2.15 4.50
CA ASN A 6 -3.44 -2.33 3.78
C ASN A 6 -3.54 -1.27 2.71
N CYS A 7 -4.49 -1.41 1.82
CA CYS A 7 -4.64 -0.51 0.68
C CYS A 7 -5.07 0.90 1.12
N CYS A 8 -5.76 1.02 2.26
CA CYS A 8 -6.19 2.33 2.77
C CYS A 8 -4.96 3.09 3.23
N ALA A 9 -4.08 2.40 3.91
CA ALA A 9 -2.83 2.97 4.41
C ALA A 9 -1.83 3.21 3.28
N GLY A 10 -2.21 2.82 2.08
CA GLY A 10 -1.37 2.97 0.94
C GLY A 10 -1.28 4.41 0.48
N THR A 11 -0.28 4.68 -0.29
CA THR A 11 -0.06 5.98 -0.82
C THR A 11 -0.16 5.97 -2.35
N LYS A 12 -1.08 6.80 -2.86
CA LYS A 12 -1.29 7.04 -4.30
C LYS A 12 0.05 7.17 -5.05
N GLY A 13 0.17 6.46 -6.17
CA GLY A 13 1.38 6.52 -6.95
C GLY A 13 2.22 5.27 -6.77
N CYS A 14 2.11 4.65 -5.63
CA CYS A 14 2.87 3.46 -5.35
C CYS A 14 1.98 2.24 -5.47
N LYS A 15 2.48 1.23 -6.15
CA LYS A 15 1.75 0.01 -6.40
C LYS A 15 1.91 -0.93 -5.22
N TYR A 16 0.82 -1.27 -4.57
CA TYR A 16 0.89 -2.19 -3.46
C TYR A 16 0.76 -3.58 -3.98
N PHE A 17 1.86 -4.20 -3.96
CA PHE A 17 2.13 -5.40 -4.63
C PHE A 17 2.60 -6.48 -3.68
N SER A 18 2.23 -7.68 -4.00
CA SER A 18 2.56 -8.80 -3.21
C SER A 18 3.82 -9.45 -3.74
N ASP A 19 4.60 -9.98 -2.82
CA ASP A 19 5.93 -10.54 -3.10
C ASP A 19 5.87 -11.77 -4.00
N ASP A 20 4.68 -12.33 -4.21
CA ASP A 20 4.51 -13.45 -5.13
C ASP A 20 4.64 -12.95 -6.57
N GLY A 21 4.47 -11.64 -6.75
CA GLY A 21 4.59 -11.03 -8.04
C GLY A 21 3.28 -10.53 -8.57
N THR A 22 2.39 -10.13 -7.69
CA THR A 22 1.06 -9.73 -8.12
C THR A 22 0.71 -8.30 -7.66
N PHE A 23 0.11 -7.55 -8.57
CA PHE A 23 -0.38 -6.22 -8.27
C PHE A 23 -1.72 -6.36 -7.56
N VAL A 24 -1.77 -5.94 -6.33
CA VAL A 24 -3.00 -6.03 -5.58
C VAL A 24 -3.84 -4.80 -5.86
N CYS A 25 -3.29 -3.66 -5.51
CA CYS A 25 -3.95 -2.39 -5.72
C CYS A 25 -2.94 -1.30 -5.59
N GLU A 26 -3.16 -0.19 -6.21
CA GLU A 26 -2.29 0.93 -6.03
C GLU A 26 -2.85 1.70 -4.86
N GLY A 27 -2.01 2.47 -4.18
CA GLY A 27 -2.46 3.24 -3.05
C GLY A 27 -3.63 4.13 -3.42
N GLU A 28 -4.78 3.84 -2.86
CA GLU A 28 -5.97 4.61 -3.17
C GLU A 28 -6.06 5.87 -2.35
N SER A 29 -5.21 6.00 -1.36
CA SER A 29 -5.23 7.14 -0.52
C SER A 29 -4.23 8.17 -1.00
N ASP A 30 -4.71 9.35 -1.22
CA ASP A 30 -3.91 10.43 -1.71
C ASP A 30 -3.26 11.13 -0.54
N PRO A 31 -1.95 11.44 -0.64
CA PRO A 31 -1.19 12.08 0.45
C PRO A 31 -1.65 13.52 0.81
N ARG A 32 -2.56 14.09 0.02
CA ARG A 32 -3.07 15.44 0.29
C ARG A 32 -3.81 15.48 1.61
N ASN A 33 -4.68 14.54 1.81
CA ASN A 33 -5.43 14.45 3.04
C ASN A 33 -4.65 13.62 4.03
N PRO A 34 -4.61 14.04 5.31
CA PRO A 34 -3.91 13.30 6.37
C PRO A 34 -4.56 11.94 6.58
N LYS A 35 -3.98 10.95 5.95
CA LYS A 35 -4.50 9.62 5.98
C LYS A 35 -3.92 8.83 7.14
N ALA A 36 -4.80 8.41 8.01
CA ALA A 36 -4.44 7.56 9.11
C ALA A 36 -5.49 6.48 9.19
N CYS A 37 -5.35 5.50 8.32
CA CYS A 37 -6.33 4.44 8.19
C CYS A 37 -6.16 3.42 9.28
N THR A 38 -7.13 2.52 9.40
CA THR A 38 -7.07 1.47 10.38
C THR A 38 -5.84 0.57 10.11
N LEU A 39 -5.37 -0.10 11.12
CA LEU A 39 -4.18 -0.92 11.02
C LEU A 39 -4.57 -2.34 10.74
N ASN A 40 -5.53 -2.45 9.88
CA ASN A 40 -6.01 -3.73 9.39
C ASN A 40 -4.91 -4.41 8.65
N CYS A 41 -4.58 -5.57 9.08
CA CYS A 41 -3.50 -6.31 8.51
C CYS A 41 -3.96 -7.02 7.25
N ASP A 42 -3.45 -6.58 6.12
CA ASP A 42 -3.76 -7.22 4.85
C ASP A 42 -2.50 -7.92 4.36
N PRO A 43 -2.24 -9.17 4.82
CA PRO A 43 -0.98 -9.90 4.59
C PRO A 43 -0.71 -10.19 3.12
N ARG A 44 -1.75 -10.14 2.31
CA ARG A 44 -1.62 -10.37 0.89
C ARG A 44 -0.96 -9.16 0.20
N ILE A 45 -0.81 -8.08 0.93
CA ILE A 45 -0.06 -6.94 0.46
C ILE A 45 1.30 -7.01 1.11
N ALA A 46 2.32 -7.01 0.31
CA ALA A 46 3.65 -7.16 0.84
C ALA A 46 4.30 -5.80 1.04
N TYR A 47 4.41 -5.06 -0.02
CA TYR A 47 5.02 -3.76 0.04
C TYR A 47 4.56 -2.91 -1.10
N GLY A 48 4.78 -1.65 -0.98
CA GLY A 48 4.47 -0.75 -2.01
C GLY A 48 5.67 -0.51 -2.87
N VAL A 49 5.50 -0.69 -4.13
CA VAL A 49 6.54 -0.45 -5.08
C VAL A 49 6.23 0.84 -5.82
N CYS A 50 6.92 1.88 -5.45
CA CYS A 50 6.83 3.13 -6.15
C CYS A 50 7.81 3.04 -7.31
N PRO A 51 7.56 3.78 -8.43
CA PRO A 51 8.42 3.74 -9.64
C PRO A 51 9.91 3.80 -9.29
N ARG A 52 10.65 2.82 -9.77
CA ARG A 52 12.08 2.71 -9.47
C ARG A 52 12.88 3.68 -10.35
N SER A 53 12.71 4.95 -10.09
CA SER A 53 13.39 6.02 -10.76
C SER A 53 13.43 7.22 -9.80
N ASP A 1 6.32 -9.83 11.35
CA ASP A 1 5.25 -10.79 11.11
C ASP A 1 3.88 -10.09 11.12
N ARG A 2 3.78 -8.98 11.84
CA ARG A 2 2.56 -8.22 11.93
C ARG A 2 2.55 -7.12 10.90
N ILE A 3 2.22 -7.49 9.68
CA ILE A 3 2.14 -6.55 8.57
C ILE A 3 1.01 -5.53 8.81
N CYS A 4 1.39 -4.32 9.12
CA CYS A 4 0.44 -3.29 9.43
C CYS A 4 0.51 -2.09 8.49
N THR A 5 0.63 -2.36 7.24
CA THR A 5 0.51 -1.35 6.23
C THR A 5 -0.96 -1.32 5.83
N ASN A 6 -1.42 -0.30 5.17
CA ASN A 6 -2.76 -0.33 4.59
C ASN A 6 -2.83 0.55 3.38
N CYS A 7 -3.46 0.02 2.37
CA CYS A 7 -3.55 0.61 1.04
C CYS A 7 -4.22 1.98 1.06
N CYS A 8 -5.18 2.13 1.91
CA CYS A 8 -5.94 3.34 2.01
C CYS A 8 -5.15 4.47 2.66
N ALA A 9 -4.20 4.12 3.49
CA ALA A 9 -3.28 5.10 4.06
C ALA A 9 -2.11 5.34 3.11
N GLY A 10 -1.45 4.24 2.73
CA GLY A 10 -0.31 4.16 1.76
C GLY A 10 0.46 5.46 1.44
N THR A 11 0.75 5.63 0.15
CA THR A 11 1.47 6.76 -0.40
C THR A 11 1.20 6.87 -1.91
N LYS A 12 0.34 7.81 -2.26
CA LYS A 12 0.05 8.23 -3.62
C LYS A 12 1.36 8.45 -4.39
N GLY A 13 1.48 7.84 -5.54
CA GLY A 13 2.70 7.94 -6.30
C GLY A 13 3.42 6.61 -6.34
N CYS A 14 2.95 5.69 -5.54
CA CYS A 14 3.50 4.36 -5.48
C CYS A 14 2.37 3.35 -5.54
N LYS A 15 2.59 2.26 -6.24
CA LYS A 15 1.59 1.23 -6.40
C LYS A 15 1.64 0.34 -5.17
N TYR A 16 0.52 0.08 -4.59
CA TYR A 16 0.45 -0.76 -3.41
C TYR A 16 0.43 -2.19 -3.86
N PHE A 17 1.42 -2.93 -3.45
CA PHE A 17 1.65 -4.23 -3.96
C PHE A 17 2.13 -5.20 -2.89
N SER A 18 1.71 -6.42 -3.02
CA SER A 18 2.10 -7.44 -2.13
C SER A 18 3.32 -8.15 -2.70
N ASP A 19 4.25 -8.47 -1.82
CA ASP A 19 5.59 -8.98 -2.18
C ASP A 19 5.54 -10.33 -2.91
N ASP A 20 4.41 -10.99 -2.87
CA ASP A 20 4.24 -12.27 -3.57
C ASP A 20 4.17 -12.07 -5.07
N GLY A 21 3.96 -10.83 -5.49
CA GLY A 21 3.91 -10.52 -6.89
C GLY A 21 2.52 -10.19 -7.34
N THR A 22 1.77 -9.54 -6.47
CA THR A 22 0.42 -9.17 -6.79
C THR A 22 0.21 -7.66 -6.57
N PHE A 23 -0.25 -6.99 -7.61
CA PHE A 23 -0.59 -5.59 -7.53
C PHE A 23 -1.93 -5.47 -6.82
N VAL A 24 -2.03 -4.59 -5.88
CA VAL A 24 -3.25 -4.46 -5.13
C VAL A 24 -4.00 -3.20 -5.53
N CYS A 25 -3.38 -2.05 -5.38
CA CYS A 25 -4.05 -0.80 -5.65
C CYS A 25 -3.09 0.29 -6.10
N GLU A 26 -3.63 1.21 -6.85
CA GLU A 26 -2.90 2.35 -7.37
C GLU A 26 -2.78 3.42 -6.27
N GLY A 27 -1.73 4.22 -6.37
CA GLY A 27 -1.42 5.21 -5.37
C GLY A 27 -2.39 6.34 -5.31
N GLU A 28 -3.37 6.22 -4.46
CA GLU A 28 -4.36 7.23 -4.24
C GLU A 28 -4.02 8.03 -2.99
N SER A 29 -3.59 7.30 -2.00
CA SER A 29 -3.52 7.76 -0.66
C SER A 29 -2.42 8.77 -0.39
N ASP A 30 -2.83 10.01 -0.30
CA ASP A 30 -1.91 11.11 -0.04
C ASP A 30 -1.57 11.12 1.44
N PRO A 31 -0.28 11.05 1.79
CA PRO A 31 0.16 11.03 3.18
C PRO A 31 0.36 12.42 3.78
N ARG A 32 0.08 13.45 3.01
CA ARG A 32 0.24 14.80 3.47
C ARG A 32 -0.99 15.19 4.25
N ASN A 33 -2.14 14.90 3.69
CA ASN A 33 -3.39 15.09 4.37
C ASN A 33 -3.63 13.82 5.19
N PRO A 34 -4.44 13.89 6.24
CA PRO A 34 -4.69 12.75 7.11
C PRO A 34 -5.67 11.74 6.50
N LYS A 35 -5.36 11.23 5.32
CA LYS A 35 -6.20 10.25 4.70
C LYS A 35 -5.79 8.85 5.13
N ALA A 36 -6.47 8.36 6.10
CA ALA A 36 -6.25 7.04 6.64
C ALA A 36 -7.58 6.37 6.82
N CYS A 37 -7.62 5.10 6.63
CA CYS A 37 -8.88 4.38 6.69
C CYS A 37 -8.79 3.24 7.69
N THR A 38 -9.91 2.91 8.31
CA THR A 38 -10.01 1.84 9.28
C THR A 38 -9.91 0.44 8.63
N LEU A 39 -8.80 0.21 8.00
CA LEU A 39 -8.45 -1.07 7.42
C LEU A 39 -7.01 -1.30 7.77
N ASN A 40 -6.72 -1.01 9.02
CA ASN A 40 -5.38 -1.07 9.58
C ASN A 40 -4.86 -2.47 9.52
N CYS A 41 -3.58 -2.59 9.19
CA CYS A 41 -2.90 -3.86 9.08
C CYS A 41 -3.50 -4.69 7.93
N ASP A 42 -3.44 -4.12 6.76
CA ASP A 42 -3.95 -4.68 5.51
C ASP A 42 -2.91 -5.64 4.94
N PRO A 43 -3.19 -6.95 4.98
CA PRO A 43 -2.25 -7.99 4.56
C PRO A 43 -2.00 -8.02 3.06
N ARG A 44 -2.71 -7.19 2.32
CA ARG A 44 -2.52 -7.13 0.89
C ARG A 44 -1.39 -6.21 0.53
N ILE A 45 -1.15 -5.20 1.30
CA ILE A 45 -0.10 -4.29 0.97
C ILE A 45 1.17 -4.60 1.77
N ALA A 46 2.14 -5.17 1.10
CA ALA A 46 3.41 -5.49 1.73
C ALA A 46 4.24 -4.23 1.79
N TYR A 47 4.21 -3.49 0.68
CA TYR A 47 4.88 -2.24 0.57
C TYR A 47 4.40 -1.54 -0.68
N GLY A 48 4.86 -0.36 -0.88
CA GLY A 48 4.48 0.36 -2.05
C GLY A 48 5.63 0.48 -3.01
N VAL A 49 5.41 0.05 -4.22
CA VAL A 49 6.39 0.11 -5.27
C VAL A 49 6.17 1.39 -6.07
N CYS A 50 7.03 2.33 -5.90
CA CYS A 50 6.95 3.58 -6.61
C CYS A 50 7.52 3.38 -8.00
N PRO A 51 6.69 3.55 -9.05
CA PRO A 51 7.08 3.30 -10.43
C PRO A 51 8.28 4.11 -10.89
N ARG A 52 9.20 3.42 -11.52
CA ARG A 52 10.37 4.01 -12.07
C ARG A 52 10.56 3.40 -13.44
N SER A 53 10.27 4.14 -14.45
CA SER A 53 10.36 3.68 -15.80
C SER A 53 11.03 4.74 -16.66
N ASP A 1 3.08 -8.74 4.46
CA ASP A 1 3.42 -9.34 5.75
C ASP A 1 2.93 -8.46 6.90
N ARG A 2 3.78 -8.06 7.83
CA ARG A 2 3.33 -7.30 9.01
C ARG A 2 3.21 -5.79 8.74
N ILE A 3 2.61 -5.44 7.63
CA ILE A 3 2.38 -4.07 7.28
C ILE A 3 1.02 -3.64 7.85
N CYS A 4 0.95 -2.45 8.41
CA CYS A 4 -0.27 -2.00 9.01
C CYS A 4 -0.87 -0.82 8.32
N THR A 5 -0.47 -0.64 7.12
CA THR A 5 -0.97 0.40 6.28
C THR A 5 -2.18 -0.13 5.50
N ASN A 6 -2.86 0.74 4.79
CA ASN A 6 -3.98 0.37 3.96
C ASN A 6 -3.79 1.05 2.62
N CYS A 7 -4.39 0.50 1.61
CA CYS A 7 -4.22 0.94 0.23
C CYS A 7 -4.93 2.26 -0.07
N CYS A 8 -6.08 2.48 0.55
CA CYS A 8 -6.88 3.69 0.34
C CYS A 8 -6.08 4.92 0.72
N ALA A 9 -5.63 4.93 1.95
CA ALA A 9 -4.85 6.03 2.50
C ALA A 9 -3.35 5.79 2.27
N GLY A 10 -3.04 5.04 1.24
CA GLY A 10 -1.68 4.72 0.94
C GLY A 10 -1.06 5.67 -0.03
N THR A 11 0.27 5.63 -0.09
CA THR A 11 1.11 6.52 -0.90
C THR A 11 0.71 6.52 -2.39
N LYS A 12 0.18 7.65 -2.83
CA LYS A 12 -0.22 7.88 -4.21
C LYS A 12 0.92 7.63 -5.17
N GLY A 13 0.78 6.61 -5.98
CA GLY A 13 1.78 6.28 -6.95
C GLY A 13 2.46 4.99 -6.65
N CYS A 14 2.49 4.62 -5.40
CA CYS A 14 3.10 3.39 -4.99
C CYS A 14 2.08 2.26 -5.10
N LYS A 15 2.42 1.26 -5.88
CA LYS A 15 1.52 0.14 -6.10
C LYS A 15 1.57 -0.79 -4.92
N TYR A 16 0.48 -0.88 -4.21
CA TYR A 16 0.39 -1.80 -3.10
C TYR A 16 0.30 -3.18 -3.66
N PHE A 17 1.36 -3.86 -3.53
CA PHE A 17 1.60 -5.09 -4.19
C PHE A 17 2.21 -6.09 -3.26
N SER A 18 1.84 -7.31 -3.45
CA SER A 18 2.34 -8.40 -2.71
C SER A 18 3.55 -9.01 -3.43
N ASP A 19 4.51 -9.49 -2.63
CA ASP A 19 5.83 -9.94 -3.12
C ASP A 19 5.77 -11.15 -4.05
N ASP A 20 4.65 -11.84 -4.07
CA ASP A 20 4.47 -12.98 -4.95
C ASP A 20 4.02 -12.54 -6.34
N GLY A 21 4.03 -11.24 -6.55
CA GLY A 21 3.79 -10.69 -7.85
C GLY A 21 2.37 -10.28 -8.10
N THR A 22 1.65 -9.91 -7.08
CA THR A 22 0.28 -9.55 -7.28
C THR A 22 0.02 -8.07 -6.94
N PHE A 23 -0.32 -7.31 -7.95
CA PHE A 23 -0.75 -5.95 -7.77
C PHE A 23 -2.10 -5.98 -7.06
N VAL A 24 -2.17 -5.43 -5.87
CA VAL A 24 -3.40 -5.43 -5.12
C VAL A 24 -4.22 -4.21 -5.53
N CYS A 25 -3.55 -3.08 -5.56
CA CYS A 25 -4.11 -1.79 -5.91
C CYS A 25 -2.98 -0.78 -5.86
N GLU A 26 -3.25 0.47 -6.05
CA GLU A 26 -2.24 1.49 -5.97
C GLU A 26 -2.70 2.54 -4.98
N GLY A 27 -1.75 3.10 -4.23
CA GLY A 27 -2.08 4.13 -3.28
C GLY A 27 -2.55 5.37 -3.98
N GLU A 28 -3.46 6.09 -3.38
CA GLU A 28 -4.06 7.23 -4.01
C GLU A 28 -4.05 8.46 -3.08
N SER A 29 -3.50 8.29 -1.92
CA SER A 29 -3.51 9.31 -0.95
C SER A 29 -2.11 9.73 -0.53
N ASP A 30 -2.05 10.80 0.19
CA ASP A 30 -0.83 11.23 0.77
C ASP A 30 -1.00 11.13 2.27
N PRO A 31 -0.20 10.27 2.93
CA PRO A 31 -0.35 9.94 4.38
C PRO A 31 -0.02 11.09 5.35
N ARG A 32 -0.20 12.31 4.91
CA ARG A 32 0.04 13.47 5.75
C ARG A 32 -1.27 14.23 5.94
N ASN A 33 -2.12 14.20 4.91
CA ASN A 33 -3.41 14.86 4.96
C ASN A 33 -4.47 13.91 5.48
N PRO A 34 -5.54 14.46 6.13
CA PRO A 34 -6.59 13.67 6.74
C PRO A 34 -7.43 12.91 5.71
N LYS A 35 -7.18 11.65 5.61
CA LYS A 35 -7.92 10.80 4.70
C LYS A 35 -8.54 9.69 5.53
N ALA A 36 -9.83 9.67 5.59
CA ALA A 36 -10.55 8.72 6.42
C ALA A 36 -10.67 7.34 5.77
N CYS A 37 -9.55 6.71 5.58
CA CYS A 37 -9.51 5.34 5.13
C CYS A 37 -8.96 4.53 6.28
N THR A 38 -9.75 3.61 6.76
CA THR A 38 -9.39 2.80 7.90
C THR A 38 -8.20 1.91 7.58
N LEU A 39 -7.33 1.77 8.54
CA LEU A 39 -6.12 1.00 8.38
C LEU A 39 -6.46 -0.48 8.53
N ASN A 40 -6.70 -0.87 9.77
CA ASN A 40 -7.02 -2.26 10.18
C ASN A 40 -5.91 -3.26 9.87
N CYS A 41 -4.81 -2.72 9.44
CA CYS A 41 -3.64 -3.46 8.94
C CYS A 41 -4.01 -4.36 7.73
N ASP A 42 -3.34 -4.19 6.60
CA ASP A 42 -3.57 -5.08 5.46
C ASP A 42 -2.36 -5.97 5.23
N PRO A 43 -2.27 -7.10 5.98
CA PRO A 43 -1.07 -7.97 5.99
C PRO A 43 -0.79 -8.67 4.66
N ARG A 44 -1.76 -8.65 3.78
CA ARG A 44 -1.66 -9.32 2.49
C ARG A 44 -0.74 -8.56 1.56
N ILE A 45 -0.61 -7.28 1.82
CA ILE A 45 0.22 -6.43 1.02
C ILE A 45 1.65 -6.55 1.50
N ALA A 46 2.58 -6.50 0.58
CA ALA A 46 3.97 -6.55 0.93
C ALA A 46 4.47 -5.15 1.17
N TYR A 47 4.36 -4.32 0.15
CA TYR A 47 4.78 -2.94 0.21
C TYR A 47 4.18 -2.19 -0.96
N GLY A 48 4.37 -0.90 -0.98
CA GLY A 48 3.89 -0.10 -2.06
C GLY A 48 5.03 0.18 -2.99
N VAL A 49 5.09 -0.56 -4.05
CA VAL A 49 6.17 -0.44 -4.99
C VAL A 49 5.94 0.74 -5.93
N CYS A 50 6.70 1.77 -5.72
CA CYS A 50 6.72 2.86 -6.64
C CYS A 50 7.72 2.51 -7.72
N PRO A 51 7.40 2.76 -9.00
CA PRO A 51 8.25 2.39 -10.14
C PRO A 51 9.56 3.20 -10.21
N ARG A 52 10.41 2.97 -9.24
CA ARG A 52 11.71 3.58 -9.17
C ARG A 52 12.69 2.49 -8.81
N SER A 53 13.56 2.16 -9.70
CA SER A 53 14.57 1.20 -9.41
C SER A 53 15.88 1.71 -9.95
N ASP A 1 4.68 -11.11 6.56
CA ASP A 1 3.33 -10.69 6.95
C ASP A 1 3.46 -9.53 7.91
N ARG A 2 2.36 -9.12 8.53
CA ARG A 2 2.29 -8.05 9.52
C ARG A 2 2.93 -6.74 9.05
N ILE A 3 2.58 -6.33 7.85
CA ILE A 3 2.96 -5.06 7.35
C ILE A 3 1.85 -4.08 7.74
N CYS A 4 2.17 -3.10 8.54
CA CYS A 4 1.15 -2.22 9.04
C CYS A 4 0.88 -1.03 8.16
N THR A 5 1.29 -1.16 6.97
CA THR A 5 0.98 -0.23 5.94
C THR A 5 -0.31 -0.73 5.30
N ASN A 6 -1.22 0.15 5.06
CA ASN A 6 -2.43 -0.24 4.38
C ASN A 6 -2.54 0.53 3.09
N CYS A 7 -3.29 0.01 2.16
CA CYS A 7 -3.38 0.58 0.84
C CYS A 7 -4.41 1.69 0.78
N CYS A 8 -5.27 1.74 1.77
CA CYS A 8 -6.29 2.76 1.84
C CYS A 8 -5.63 4.12 2.08
N ALA A 9 -4.69 4.15 3.02
CA ALA A 9 -3.90 5.35 3.26
C ALA A 9 -2.59 5.28 2.42
N GLY A 10 -2.64 4.50 1.36
CA GLY A 10 -1.48 4.21 0.57
C GLY A 10 -1.08 5.31 -0.38
N THR A 11 0.18 5.33 -0.66
CA THR A 11 0.81 6.28 -1.53
C THR A 11 0.58 5.90 -2.99
N LYS A 12 -0.16 6.73 -3.72
CA LYS A 12 -0.36 6.50 -5.14
C LYS A 12 0.97 6.63 -5.86
N GLY A 13 1.30 5.63 -6.62
CA GLY A 13 2.57 5.60 -7.29
C GLY A 13 3.42 4.48 -6.75
N CYS A 14 2.97 3.90 -5.66
CA CYS A 14 3.62 2.77 -5.06
C CYS A 14 2.81 1.54 -5.36
N LYS A 15 3.45 0.55 -5.88
CA LYS A 15 2.77 -0.66 -6.25
C LYS A 15 2.69 -1.54 -5.01
N TYR A 16 1.59 -1.46 -4.29
CA TYR A 16 1.37 -2.31 -3.15
C TYR A 16 1.08 -3.67 -3.71
N PHE A 17 2.00 -4.55 -3.49
CA PHE A 17 2.05 -5.78 -4.18
C PHE A 17 2.46 -6.91 -3.26
N SER A 18 2.02 -8.08 -3.61
CA SER A 18 2.26 -9.26 -2.86
C SER A 18 3.43 -10.02 -3.46
N ASP A 19 4.29 -10.55 -2.58
CA ASP A 19 5.54 -11.23 -2.97
C ASP A 19 5.31 -12.55 -3.67
N ASP A 20 4.05 -12.94 -3.77
CA ASP A 20 3.68 -14.14 -4.49
C ASP A 20 3.54 -13.82 -5.99
N GLY A 21 3.60 -12.54 -6.32
CA GLY A 21 3.53 -12.12 -7.70
C GLY A 21 2.20 -11.48 -8.06
N THR A 22 1.53 -10.94 -7.07
CA THR A 22 0.23 -10.37 -7.30
C THR A 22 0.18 -8.89 -6.90
N PHE A 23 -0.02 -8.02 -7.86
CA PHE A 23 -0.19 -6.61 -7.61
C PHE A 23 -1.57 -6.39 -7.01
N VAL A 24 -1.61 -5.66 -5.93
CA VAL A 24 -2.84 -5.45 -5.21
C VAL A 24 -3.47 -4.10 -5.58
N CYS A 25 -2.76 -3.03 -5.31
CA CYS A 25 -3.28 -1.69 -5.57
C CYS A 25 -2.14 -0.70 -5.55
N GLU A 26 -2.31 0.40 -6.22
CA GLU A 26 -1.27 1.40 -6.29
C GLU A 26 -1.60 2.58 -5.36
N GLY A 27 -2.04 2.25 -4.17
CA GLY A 27 -2.35 3.26 -3.19
C GLY A 27 -3.69 3.91 -3.42
N GLU A 28 -3.89 5.04 -2.81
CA GLU A 28 -5.12 5.77 -2.92
C GLU A 28 -4.90 7.07 -3.67
N SER A 29 -4.20 7.98 -3.06
CA SER A 29 -3.93 9.25 -3.61
C SER A 29 -2.53 9.65 -3.19
N ASP A 30 -2.20 10.90 -3.36
CA ASP A 30 -0.92 11.38 -2.91
C ASP A 30 -1.02 11.62 -1.42
N PRO A 31 -0.03 11.15 -0.64
CA PRO A 31 -0.03 11.27 0.83
C PRO A 31 -0.10 12.72 1.38
N ARG A 32 -0.18 13.71 0.49
CA ARG A 32 -0.43 15.07 0.88
C ARG A 32 -1.78 15.12 1.57
N ASN A 33 -2.77 14.51 0.95
CA ASN A 33 -4.05 14.35 1.57
C ASN A 33 -4.08 13.00 2.29
N PRO A 34 -4.24 13.01 3.61
CA PRO A 34 -4.29 11.79 4.37
C PRO A 34 -5.63 11.09 4.22
N LYS A 35 -5.62 9.88 3.74
CA LYS A 35 -6.83 9.13 3.61
C LYS A 35 -7.10 8.42 4.91
N ALA A 36 -8.17 8.78 5.53
CA ALA A 36 -8.55 8.21 6.79
C ALA A 36 -9.27 6.90 6.58
N CYS A 37 -8.64 5.84 6.99
CA CYS A 37 -9.18 4.52 6.90
C CYS A 37 -8.80 3.77 8.17
N THR A 38 -9.15 2.52 8.27
CA THR A 38 -8.84 1.72 9.43
C THR A 38 -7.32 1.54 9.58
N LEU A 39 -6.87 1.25 10.77
CA LEU A 39 -5.45 1.13 11.09
C LEU A 39 -5.04 -0.32 11.03
N ASN A 40 -5.67 -1.05 10.15
CA ASN A 40 -5.37 -2.44 9.95
C ASN A 40 -4.13 -2.60 9.12
N CYS A 41 -3.29 -3.49 9.53
CA CYS A 41 -2.11 -3.82 8.79
C CYS A 41 -2.59 -4.68 7.64
N ASP A 42 -2.30 -4.29 6.40
CA ASP A 42 -2.92 -4.96 5.25
C ASP A 42 -2.19 -6.24 4.84
N PRO A 43 -2.79 -7.42 5.16
CA PRO A 43 -2.16 -8.72 4.93
C PRO A 43 -2.36 -9.19 3.50
N ARG A 44 -3.02 -8.38 2.73
CA ARG A 44 -3.28 -8.66 1.34
C ARG A 44 -2.04 -8.24 0.55
N ILE A 45 -1.27 -7.37 1.16
CA ILE A 45 -0.07 -6.81 0.60
C ILE A 45 1.14 -7.40 1.28
N ALA A 46 2.23 -7.45 0.56
CA ALA A 46 3.48 -7.95 1.12
C ALA A 46 4.41 -6.78 1.38
N TYR A 47 4.58 -5.95 0.37
CA TYR A 47 5.41 -4.77 0.44
C TYR A 47 4.98 -3.80 -0.66
N GLY A 48 5.57 -2.65 -0.68
CA GLY A 48 5.23 -1.67 -1.67
C GLY A 48 6.39 -1.40 -2.59
N VAL A 49 6.26 -1.79 -3.82
CA VAL A 49 7.29 -1.55 -4.80
C VAL A 49 7.08 -0.12 -5.29
N CYS A 50 7.93 0.77 -4.88
CA CYS A 50 7.77 2.15 -5.25
C CYS A 50 8.78 2.57 -6.30
N PRO A 51 8.35 2.60 -7.59
CA PRO A 51 9.21 3.00 -8.70
C PRO A 51 9.31 4.53 -8.74
N ARG A 52 9.94 5.05 -7.73
CA ARG A 52 10.08 6.46 -7.54
C ARG A 52 11.45 6.73 -6.98
N SER A 53 12.29 7.31 -7.81
CA SER A 53 13.65 7.67 -7.48
C SER A 53 14.58 6.45 -7.47
N ASP A 1 6.40 -3.88 13.85
CA ASP A 1 5.98 -5.18 13.36
C ASP A 1 4.71 -4.97 12.58
N ARG A 2 4.06 -6.07 12.18
CA ARG A 2 2.78 -6.07 11.46
C ARG A 2 2.91 -5.54 10.04
N ILE A 3 2.41 -6.28 9.08
CA ILE A 3 2.42 -5.86 7.69
C ILE A 3 1.31 -4.81 7.46
N CYS A 4 1.47 -3.68 8.09
CA CYS A 4 0.49 -2.64 8.02
C CYS A 4 0.72 -1.70 6.86
N THR A 5 1.07 -2.28 5.75
CA THR A 5 1.16 -1.58 4.52
C THR A 5 -0.22 -1.71 3.88
N ASN A 6 -0.83 -0.62 3.49
CA ASN A 6 -2.16 -0.71 2.92
C ASN A 6 -2.40 0.33 1.84
N CYS A 7 -3.60 0.30 1.26
CA CYS A 7 -3.94 1.16 0.14
C CYS A 7 -4.44 2.54 0.59
N CYS A 8 -5.12 2.57 1.74
CA CYS A 8 -5.68 3.81 2.30
C CYS A 8 -4.57 4.74 2.68
N ALA A 9 -3.63 4.20 3.41
CA ALA A 9 -2.43 4.89 3.79
C ALA A 9 -1.35 4.63 2.73
N GLY A 10 -1.79 4.50 1.48
CA GLY A 10 -0.90 4.24 0.42
C GLY A 10 -0.45 5.49 -0.22
N THR A 11 0.79 5.52 -0.47
CA THR A 11 1.45 6.69 -1.00
C THR A 11 1.33 6.76 -2.52
N LYS A 12 0.57 7.76 -3.00
CA LYS A 12 0.43 8.06 -4.44
C LYS A 12 1.79 8.07 -5.13
N GLY A 13 1.96 7.15 -6.03
CA GLY A 13 3.22 6.99 -6.69
C GLY A 13 3.68 5.57 -6.61
N CYS A 14 3.42 4.94 -5.49
CA CYS A 14 3.82 3.57 -5.29
C CYS A 14 2.68 2.64 -5.61
N LYS A 15 2.98 1.59 -6.34
CA LYS A 15 2.01 0.58 -6.65
C LYS A 15 2.03 -0.45 -5.55
N TYR A 16 0.93 -0.63 -4.90
CA TYR A 16 0.82 -1.58 -3.84
C TYR A 16 0.55 -2.93 -4.44
N PHE A 17 1.57 -3.68 -4.44
CA PHE A 17 1.68 -4.87 -5.19
C PHE A 17 2.03 -6.07 -4.35
N SER A 18 1.53 -7.20 -4.77
CA SER A 18 1.71 -8.46 -4.13
C SER A 18 2.85 -9.19 -4.82
N ASP A 19 3.65 -9.90 -4.03
CA ASP A 19 4.89 -10.57 -4.46
C ASP A 19 4.71 -11.58 -5.58
N ASP A 20 3.49 -12.06 -5.79
CA ASP A 20 3.21 -13.03 -6.85
C ASP A 20 3.08 -12.33 -8.21
N GLY A 21 3.09 -11.01 -8.19
CA GLY A 21 3.00 -10.25 -9.41
C GLY A 21 1.64 -9.63 -9.60
N THR A 22 0.93 -9.42 -8.53
CA THR A 22 -0.39 -8.86 -8.63
C THR A 22 -0.44 -7.41 -8.16
N PHE A 23 -0.89 -6.55 -9.04
CA PHE A 23 -1.13 -5.17 -8.73
C PHE A 23 -2.44 -5.10 -7.96
N VAL A 24 -2.36 -4.81 -6.69
CA VAL A 24 -3.54 -4.76 -5.85
C VAL A 24 -4.23 -3.44 -6.06
N CYS A 25 -3.47 -2.38 -5.93
CA CYS A 25 -3.94 -1.03 -6.13
C CYS A 25 -2.75 -0.12 -6.02
N GLU A 26 -2.90 1.10 -6.36
CA GLU A 26 -1.82 2.04 -6.26
C GLU A 26 -2.13 2.98 -5.11
N GLY A 27 -1.16 3.82 -4.74
CA GLY A 27 -1.36 4.82 -3.70
C GLY A 27 -2.60 5.61 -3.96
N GLU A 28 -3.58 5.43 -3.11
CA GLU A 28 -4.89 6.01 -3.32
C GLU A 28 -4.94 7.45 -2.85
N SER A 29 -4.06 7.82 -1.96
CA SER A 29 -4.11 9.09 -1.39
C SER A 29 -2.75 9.76 -1.46
N ASP A 30 -2.66 10.94 -0.90
CA ASP A 30 -1.42 11.71 -0.90
C ASP A 30 -0.50 11.14 0.17
N PRO A 31 0.82 11.06 -0.14
CA PRO A 31 1.87 10.53 0.75
C PRO A 31 1.77 10.97 2.23
N ARG A 32 1.18 12.12 2.50
CA ARG A 32 1.06 12.60 3.87
C ARG A 32 -0.37 12.83 4.22
N ASN A 33 -1.21 11.89 3.87
CA ASN A 33 -2.60 11.92 4.22
C ASN A 33 -2.80 11.61 5.71
N PRO A 34 -3.38 12.55 6.44
CA PRO A 34 -3.65 12.39 7.85
C PRO A 34 -5.00 11.70 8.09
N LYS A 35 -4.97 10.40 8.24
CA LYS A 35 -6.17 9.65 8.51
C LYS A 35 -5.85 8.31 9.15
N ALA A 36 -6.81 7.79 9.86
CA ALA A 36 -6.74 6.48 10.42
C ALA A 36 -7.52 5.59 9.50
N CYS A 37 -6.97 4.49 9.13
CA CYS A 37 -7.59 3.64 8.15
C CYS A 37 -7.99 2.30 8.74
N THR A 38 -9.20 1.87 8.42
CA THR A 38 -9.74 0.60 8.85
C THR A 38 -9.03 -0.56 8.14
N LEU A 39 -8.37 -0.25 7.05
CA LEU A 39 -7.66 -1.22 6.25
C LEU A 39 -6.23 -1.41 6.81
N ASN A 40 -6.07 -1.13 8.09
CA ASN A 40 -4.81 -1.33 8.81
C ASN A 40 -4.32 -2.74 8.62
N CYS A 41 -3.13 -2.85 8.07
CA CYS A 41 -2.48 -4.13 7.77
C CYS A 41 -3.23 -4.88 6.66
N ASP A 42 -2.89 -4.59 5.41
CA ASP A 42 -3.51 -5.25 4.27
C ASP A 42 -2.60 -6.40 3.84
N PRO A 43 -2.98 -7.65 4.16
CA PRO A 43 -2.12 -8.82 3.93
C PRO A 43 -2.12 -9.29 2.48
N ARG A 44 -2.80 -8.55 1.64
CA ARG A 44 -2.83 -8.86 0.23
C ARG A 44 -1.70 -8.12 -0.47
N ILE A 45 -1.15 -7.15 0.23
CA ILE A 45 -0.09 -6.35 -0.28
C ILE A 45 1.22 -6.83 0.30
N ALA A 46 2.24 -6.82 -0.52
CA ALA A 46 3.57 -7.18 -0.08
C ALA A 46 4.30 -5.90 0.28
N TYR A 47 4.33 -4.99 -0.67
CA TYR A 47 4.98 -3.71 -0.49
C TYR A 47 4.58 -2.78 -1.61
N GLY A 48 4.98 -1.55 -1.52
CA GLY A 48 4.70 -0.60 -2.55
C GLY A 48 5.89 -0.41 -3.45
N VAL A 49 5.70 -0.68 -4.72
CA VAL A 49 6.73 -0.53 -5.72
C VAL A 49 6.61 0.85 -6.37
N CYS A 50 7.58 1.68 -6.16
CA CYS A 50 7.64 2.96 -6.79
C CYS A 50 8.57 2.90 -7.98
N PRO A 51 8.10 3.38 -9.15
CA PRO A 51 8.86 3.35 -10.39
C PRO A 51 10.18 4.09 -10.27
N ARG A 52 11.25 3.36 -10.40
CA ARG A 52 12.58 3.89 -10.40
C ARG A 52 13.48 2.93 -11.15
N SER A 53 13.39 1.67 -10.82
CA SER A 53 14.13 0.62 -11.45
C SER A 53 13.35 -0.66 -11.23
N ASP A 1 1.61 -12.33 11.13
CA ASP A 1 1.60 -10.89 10.91
C ASP A 1 2.92 -10.29 11.32
N ARG A 2 3.34 -9.29 10.58
CA ARG A 2 4.57 -8.52 10.82
C ARG A 2 4.61 -7.41 9.79
N ILE A 3 4.33 -7.78 8.55
CA ILE A 3 4.18 -6.79 7.50
C ILE A 3 2.85 -6.07 7.75
N CYS A 4 2.91 -4.81 8.07
CA CYS A 4 1.73 -4.11 8.45
C CYS A 4 1.35 -3.03 7.47
N THR A 5 1.49 -3.36 6.22
CA THR A 5 1.04 -2.53 5.16
C THR A 5 -0.41 -2.98 4.86
N ASN A 6 -1.16 -2.18 4.11
CA ASN A 6 -2.51 -2.57 3.74
C ASN A 6 -3.00 -1.77 2.54
N CYS A 7 -4.18 -2.10 2.06
CA CYS A 7 -4.75 -1.52 0.85
C CYS A 7 -5.12 -0.03 1.02
N CYS A 8 -5.29 0.41 2.24
CA CYS A 8 -5.58 1.81 2.47
C CYS A 8 -4.29 2.58 2.69
N ALA A 9 -3.50 2.11 3.65
CA ALA A 9 -2.27 2.77 4.12
C ALA A 9 -1.08 2.64 3.14
N GLY A 10 -1.34 2.70 1.85
CA GLY A 10 -0.28 2.68 0.89
C GLY A 10 0.06 4.09 0.46
N THR A 11 1.07 4.24 -0.33
CA THR A 11 1.49 5.54 -0.80
C THR A 11 1.18 5.73 -2.29
N LYS A 12 0.45 6.80 -2.60
CA LYS A 12 0.15 7.18 -3.97
C LYS A 12 1.45 7.32 -4.78
N GLY A 13 1.54 6.57 -5.84
CA GLY A 13 2.72 6.54 -6.65
C GLY A 13 3.14 5.12 -6.85
N CYS A 14 2.96 4.31 -5.83
CA CYS A 14 3.31 2.92 -5.87
C CYS A 14 2.05 2.07 -5.99
N LYS A 15 2.18 0.92 -6.61
CA LYS A 15 1.09 -0.02 -6.75
C LYS A 15 1.09 -0.92 -5.53
N TYR A 16 -0.01 -0.98 -4.81
CA TYR A 16 -0.10 -1.84 -3.64
C TYR A 16 -0.28 -3.25 -4.17
N PHE A 17 0.74 -4.05 -4.07
CA PHE A 17 0.81 -5.30 -4.76
C PHE A 17 1.44 -6.41 -3.92
N SER A 18 1.03 -7.62 -4.20
CA SER A 18 1.58 -8.76 -3.59
C SER A 18 2.64 -9.32 -4.52
N ASP A 19 3.82 -9.57 -3.97
CA ASP A 19 5.02 -9.95 -4.75
C ASP A 19 4.87 -11.27 -5.49
N ASP A 20 3.79 -11.99 -5.20
CA ASP A 20 3.45 -13.22 -5.90
C ASP A 20 3.02 -12.89 -7.33
N GLY A 21 2.64 -11.65 -7.56
CA GLY A 21 2.26 -11.23 -8.87
C GLY A 21 0.92 -10.54 -8.92
N THR A 22 0.25 -10.41 -7.79
CA THR A 22 -1.09 -9.88 -7.79
C THR A 22 -1.14 -8.39 -7.45
N PHE A 23 -1.62 -7.60 -8.39
CA PHE A 23 -1.85 -6.21 -8.16
C PHE A 23 -3.14 -6.08 -7.33
N VAL A 24 -3.03 -5.46 -6.19
CA VAL A 24 -4.17 -5.35 -5.31
C VAL A 24 -4.88 -4.00 -5.52
N CYS A 25 -4.23 -2.92 -5.19
CA CYS A 25 -4.84 -1.61 -5.30
C CYS A 25 -3.85 -0.55 -5.74
N GLU A 26 -4.34 0.51 -6.33
CA GLU A 26 -3.52 1.60 -6.79
C GLU A 26 -3.48 2.66 -5.71
N GLY A 27 -2.60 3.62 -5.86
CA GLY A 27 -2.43 4.66 -4.87
C GLY A 27 -3.66 5.50 -4.69
N GLU A 28 -4.19 5.49 -3.49
CA GLU A 28 -5.36 6.29 -3.15
C GLU A 28 -5.16 7.06 -1.88
N SER A 29 -4.00 6.93 -1.31
CA SER A 29 -3.66 7.66 -0.14
C SER A 29 -2.44 8.49 -0.43
N ASP A 30 -2.62 9.76 -0.39
CA ASP A 30 -1.58 10.71 -0.66
C ASP A 30 -1.29 11.47 0.63
N PRO A 31 -0.01 11.76 0.92
CA PRO A 31 0.40 12.47 2.15
C PRO A 31 -0.37 13.78 2.45
N ARG A 32 -0.98 14.37 1.43
CA ARG A 32 -1.71 15.61 1.62
C ARG A 32 -3.20 15.37 1.94
N ASN A 33 -3.73 14.23 1.53
CA ASN A 33 -5.12 13.93 1.82
C ASN A 33 -5.30 13.16 3.12
N PRO A 34 -5.96 13.77 4.09
CA PRO A 34 -6.24 13.16 5.40
C PRO A 34 -7.17 11.95 5.27
N LYS A 35 -6.65 10.79 5.52
CA LYS A 35 -7.42 9.57 5.43
C LYS A 35 -7.06 8.65 6.58
N ALA A 36 -8.03 8.34 7.38
CA ALA A 36 -7.87 7.46 8.51
C ALA A 36 -7.95 6.02 8.05
N CYS A 37 -6.82 5.46 7.77
CA CYS A 37 -6.73 4.10 7.27
C CYS A 37 -6.63 3.13 8.42
N THR A 38 -6.84 1.88 8.12
CA THR A 38 -6.77 0.82 9.07
C THR A 38 -5.31 0.56 9.44
N LEU A 39 -5.08 0.12 10.65
CA LEU A 39 -3.75 -0.23 11.11
C LEU A 39 -3.57 -1.73 10.94
N ASN A 40 -4.20 -2.23 9.91
CA ASN A 40 -4.18 -3.62 9.57
C ASN A 40 -2.88 -4.01 8.94
N CYS A 41 -2.49 -5.21 9.19
CA CYS A 41 -1.32 -5.79 8.65
C CYS A 41 -1.79 -6.80 7.61
N ASP A 42 -1.86 -6.35 6.36
CA ASP A 42 -2.39 -7.13 5.22
C ASP A 42 -1.33 -8.10 4.70
N PRO A 43 -1.45 -9.40 5.05
CA PRO A 43 -0.44 -10.40 4.70
C PRO A 43 -0.45 -10.76 3.22
N ARG A 44 -1.42 -10.23 2.52
CA ARG A 44 -1.55 -10.43 1.13
C ARG A 44 -0.66 -9.43 0.44
N ILE A 45 -0.71 -8.19 0.87
CA ILE A 45 0.07 -7.16 0.22
C ILE A 45 1.49 -7.22 0.70
N ALA A 46 2.39 -7.24 -0.24
CA ALA A 46 3.77 -7.36 0.06
C ALA A 46 4.36 -6.00 0.33
N TYR A 47 4.20 -5.11 -0.63
CA TYR A 47 4.70 -3.76 -0.55
C TYR A 47 4.15 -2.96 -1.70
N GLY A 48 4.37 -1.69 -1.67
CA GLY A 48 3.97 -0.85 -2.75
C GLY A 48 5.07 -0.77 -3.76
N VAL A 49 4.81 -1.25 -4.94
CA VAL A 49 5.81 -1.30 -5.97
C VAL A 49 5.75 -0.08 -6.84
N CYS A 50 6.82 0.64 -6.83
CA CYS A 50 7.03 1.74 -7.71
C CYS A 50 8.06 1.25 -8.72
N PRO A 51 7.59 0.90 -9.96
CA PRO A 51 8.39 0.30 -11.04
C PRO A 51 9.83 0.84 -11.13
N ARG A 52 10.78 -0.05 -10.90
CA ARG A 52 12.18 0.31 -10.93
C ARG A 52 12.70 0.32 -12.36
N SER A 53 12.19 1.25 -13.12
CA SER A 53 12.56 1.46 -14.48
C SER A 53 12.76 2.96 -14.67
N ASP A 1 10.49 -9.69 8.31
CA ASP A 1 9.91 -8.42 8.73
C ASP A 1 8.43 -8.63 8.97
N ARG A 2 7.82 -7.77 9.74
CA ARG A 2 6.40 -7.88 10.01
C ARG A 2 5.65 -6.94 9.09
N ILE A 3 5.01 -7.50 8.12
CA ILE A 3 4.29 -6.72 7.16
C ILE A 3 2.95 -6.21 7.73
N CYS A 4 2.79 -4.91 7.73
CA CYS A 4 1.61 -4.28 8.24
C CYS A 4 1.16 -3.19 7.30
N THR A 5 1.14 -3.52 6.05
CA THR A 5 0.72 -2.66 4.99
C THR A 5 -0.80 -2.48 5.04
N ASN A 6 -1.30 -1.44 4.42
CA ASN A 6 -2.74 -1.19 4.35
C ASN A 6 -3.02 -0.27 3.18
N CYS A 7 -4.18 -0.42 2.58
CA CYS A 7 -4.51 0.38 1.43
C CYS A 7 -5.52 1.47 1.76
N CYS A 8 -5.66 1.78 3.02
CA CYS A 8 -6.45 2.91 3.37
C CYS A 8 -5.52 4.10 3.29
N ALA A 9 -4.35 3.91 3.87
CA ALA A 9 -3.29 4.87 3.77
C ALA A 9 -2.41 4.54 2.55
N GLY A 10 -1.29 3.91 2.77
CA GLY A 10 -0.40 3.60 1.71
C GLY A 10 0.31 4.84 1.22
N THR A 11 0.48 4.94 -0.07
CA THR A 11 1.14 6.08 -0.68
C THR A 11 0.63 6.23 -2.10
N LYS A 12 0.04 7.37 -2.38
CA LYS A 12 -0.48 7.70 -3.71
C LYS A 12 0.63 7.62 -4.76
N GLY A 13 0.39 6.87 -5.79
CA GLY A 13 1.33 6.76 -6.88
C GLY A 13 2.20 5.53 -6.76
N CYS A 14 2.17 4.91 -5.62
CA CYS A 14 2.94 3.73 -5.39
C CYS A 14 2.06 2.53 -5.55
N LYS A 15 2.50 1.60 -6.35
CA LYS A 15 1.73 0.43 -6.65
C LYS A 15 1.85 -0.57 -5.53
N TYR A 16 0.94 -0.49 -4.58
CA TYR A 16 0.89 -1.43 -3.49
C TYR A 16 0.44 -2.75 -4.04
N PHE A 17 1.33 -3.68 -3.97
CA PHE A 17 1.27 -4.87 -4.74
C PHE A 17 1.85 -6.07 -3.97
N SER A 18 1.34 -7.22 -4.32
CA SER A 18 1.73 -8.46 -3.73
C SER A 18 2.94 -9.00 -4.48
N ASP A 19 3.91 -9.50 -3.73
CA ASP A 19 5.25 -9.90 -4.22
C ASP A 19 5.23 -10.95 -5.33
N ASP A 20 4.16 -11.71 -5.42
CA ASP A 20 4.03 -12.75 -6.45
C ASP A 20 3.76 -12.15 -7.82
N GLY A 21 3.31 -10.91 -7.82
CA GLY A 21 2.98 -10.27 -9.05
C GLY A 21 1.53 -9.87 -9.12
N THR A 22 0.87 -9.77 -7.98
CA THR A 22 -0.53 -9.38 -7.96
C THR A 22 -0.67 -7.94 -7.49
N PHE A 23 -0.99 -7.06 -8.40
CA PHE A 23 -1.20 -5.66 -8.08
C PHE A 23 -2.47 -5.51 -7.24
N VAL A 24 -2.43 -4.70 -6.22
CA VAL A 24 -3.57 -4.52 -5.38
C VAL A 24 -4.20 -3.13 -5.60
N CYS A 25 -3.46 -2.07 -5.27
CA CYS A 25 -3.97 -0.69 -5.40
C CYS A 25 -2.81 0.31 -5.36
N GLU A 26 -2.99 1.49 -5.94
CA GLU A 26 -1.91 2.47 -6.04
C GLU A 26 -1.96 3.53 -4.95
N GLY A 27 -2.30 3.11 -3.74
CA GLY A 27 -2.29 3.98 -2.57
C GLY A 27 -3.48 4.93 -2.52
N GLU A 28 -4.16 4.93 -1.40
CA GLU A 28 -5.33 5.78 -1.21
C GLU A 28 -5.01 6.96 -0.31
N SER A 29 -3.76 7.37 -0.29
CA SER A 29 -3.36 8.46 0.51
C SER A 29 -2.33 9.36 -0.16
N ASP A 30 -2.78 10.53 -0.51
CA ASP A 30 -1.91 11.62 -0.92
C ASP A 30 -1.74 12.44 0.35
N PRO A 31 -0.48 12.79 0.73
CA PRO A 31 -0.15 13.53 2.00
C PRO A 31 -0.80 14.93 2.17
N ARG A 32 -2.08 14.97 1.98
CA ARG A 32 -2.91 16.14 2.14
C ARG A 32 -4.05 15.74 3.04
N ASN A 33 -4.76 14.71 2.61
CA ASN A 33 -5.84 14.16 3.41
C ASN A 33 -5.26 13.06 4.29
N PRO A 34 -5.55 13.08 5.58
CA PRO A 34 -5.12 12.05 6.49
C PRO A 34 -6.09 10.88 6.47
N LYS A 35 -5.59 9.70 6.68
CA LYS A 35 -6.42 8.53 6.69
C LYS A 35 -6.31 7.84 8.03
N ALA A 36 -7.16 8.23 8.94
CA ALA A 36 -7.18 7.70 10.29
C ALA A 36 -7.99 6.41 10.33
N CYS A 37 -7.56 5.48 9.56
CA CYS A 37 -8.17 4.19 9.45
C CYS A 37 -7.59 3.27 10.51
N THR A 38 -8.02 2.06 10.53
CA THR A 38 -7.45 1.09 11.40
C THR A 38 -6.17 0.60 10.73
N LEU A 39 -5.12 0.44 11.50
CA LEU A 39 -3.82 0.10 10.98
C LEU A 39 -3.66 -1.41 10.92
N ASN A 40 -4.70 -2.00 10.46
CA ASN A 40 -4.78 -3.42 10.15
C ASN A 40 -3.67 -3.82 9.23
N CYS A 41 -2.89 -4.77 9.68
CA CYS A 41 -1.83 -5.32 8.86
C CYS A 41 -2.48 -6.16 7.77
N ASP A 42 -2.43 -5.67 6.56
CA ASP A 42 -3.07 -6.30 5.40
C ASP A 42 -1.99 -6.98 4.54
N PRO A 43 -1.70 -8.28 4.81
CA PRO A 43 -0.57 -9.04 4.19
C PRO A 43 -0.68 -9.23 2.68
N ARG A 44 -1.88 -9.05 2.14
CA ARG A 44 -2.14 -9.15 0.70
C ARG A 44 -1.29 -8.13 -0.07
N ILE A 45 -0.88 -7.09 0.61
CA ILE A 45 0.03 -6.15 0.06
C ILE A 45 1.37 -6.40 0.66
N ALA A 46 2.32 -6.65 -0.17
CA ALA A 46 3.66 -6.96 0.27
C ALA A 46 4.46 -5.70 0.40
N TYR A 47 4.39 -4.88 -0.61
CA TYR A 47 5.11 -3.64 -0.63
C TYR A 47 4.51 -2.71 -1.63
N GLY A 48 5.01 -1.52 -1.67
CA GLY A 48 4.56 -0.57 -2.62
C GLY A 48 5.62 -0.34 -3.64
N VAL A 49 5.37 -0.75 -4.84
CA VAL A 49 6.30 -0.56 -5.92
C VAL A 49 6.05 0.81 -6.52
N CYS A 50 6.84 1.74 -6.12
CA CYS A 50 6.73 3.08 -6.60
C CYS A 50 7.57 3.20 -7.86
N PRO A 51 7.30 4.17 -8.74
CA PRO A 51 8.11 4.42 -9.94
C PRO A 51 9.43 5.09 -9.54
N ARG A 52 10.23 4.33 -8.84
CA ARG A 52 11.47 4.77 -8.27
C ARG A 52 12.65 4.11 -9.01
N SER A 53 12.39 3.70 -10.22
CA SER A 53 13.42 3.07 -11.01
C SER A 53 14.18 4.16 -11.77
N ASP A 1 0.55 -13.88 5.61
CA ASP A 1 1.64 -13.50 6.51
C ASP A 1 1.15 -12.39 7.41
N ARG A 2 1.89 -12.10 8.47
CA ARG A 2 1.49 -11.09 9.47
C ARG A 2 2.00 -9.70 9.05
N ILE A 3 1.79 -9.40 7.80
CA ILE A 3 2.19 -8.17 7.22
C ILE A 3 1.23 -7.05 7.65
N CYS A 4 1.71 -6.16 8.46
CA CYS A 4 0.91 -5.09 8.99
C CYS A 4 1.05 -3.83 8.20
N THR A 5 1.39 -4.01 6.98
CA THR A 5 1.45 -2.97 6.03
C THR A 5 0.07 -2.92 5.36
N ASN A 6 -0.41 -1.74 5.06
CA ASN A 6 -1.69 -1.62 4.40
C ASN A 6 -1.61 -0.58 3.31
N CYS A 7 -2.60 -0.55 2.47
CA CYS A 7 -2.61 0.26 1.27
C CYS A 7 -2.73 1.75 1.55
N CYS A 8 -3.47 2.09 2.58
CA CYS A 8 -3.68 3.46 2.89
C CYS A 8 -2.47 4.03 3.57
N ALA A 9 -1.84 3.22 4.40
CA ALA A 9 -0.62 3.60 5.10
C ALA A 9 0.61 3.45 4.18
N GLY A 10 0.43 3.71 2.91
CA GLY A 10 1.50 3.72 1.98
C GLY A 10 1.61 5.07 1.37
N THR A 11 2.66 5.30 0.67
CA THR A 11 2.89 6.57 0.06
C THR A 11 2.53 6.54 -1.42
N LYS A 12 1.97 7.64 -1.89
CA LYS A 12 1.72 7.85 -3.32
C LYS A 12 3.00 7.58 -4.13
N GLY A 13 2.85 6.92 -5.24
CA GLY A 13 3.99 6.59 -6.05
C GLY A 13 4.30 5.13 -5.97
N CYS A 14 4.06 4.55 -4.84
CA CYS A 14 4.30 3.15 -4.64
C CYS A 14 2.99 2.39 -4.79
N LYS A 15 3.04 1.27 -5.44
CA LYS A 15 1.84 0.51 -5.72
C LYS A 15 1.84 -0.75 -4.91
N TYR A 16 0.79 -0.98 -4.19
CA TYR A 16 0.69 -2.14 -3.36
C TYR A 16 0.39 -3.34 -4.19
N PHE A 17 1.19 -4.36 -3.99
CA PHE A 17 1.18 -5.52 -4.79
C PHE A 17 1.55 -6.74 -3.98
N SER A 18 0.97 -7.84 -4.35
CA SER A 18 1.24 -9.07 -3.72
C SER A 18 2.27 -9.85 -4.56
N ASP A 19 3.14 -10.58 -3.88
CA ASP A 19 4.32 -11.22 -4.50
C ASP A 19 3.96 -12.34 -5.47
N ASP A 20 2.71 -12.74 -5.46
CA ASP A 20 2.22 -13.75 -6.38
C ASP A 20 2.09 -13.14 -7.78
N GLY A 21 2.15 -11.82 -7.83
CA GLY A 21 2.05 -11.12 -9.07
C GLY A 21 0.68 -10.53 -9.25
N THR A 22 0.21 -9.84 -8.24
CA THR A 22 -1.08 -9.21 -8.31
C THR A 22 -1.01 -7.79 -7.77
N PHE A 23 -1.38 -6.86 -8.60
CA PHE A 23 -1.50 -5.48 -8.21
C PHE A 23 -2.71 -5.38 -7.29
N VAL A 24 -2.48 -4.93 -6.09
CA VAL A 24 -3.53 -4.87 -5.11
C VAL A 24 -4.24 -3.52 -5.17
N CYS A 25 -3.46 -2.45 -5.11
CA CYS A 25 -4.02 -1.10 -5.13
C CYS A 25 -2.90 -0.08 -5.23
N GLU A 26 -3.27 1.13 -5.56
CA GLU A 26 -2.35 2.23 -5.69
C GLU A 26 -2.21 2.93 -4.34
N GLY A 27 -1.00 3.45 -4.06
CA GLY A 27 -0.78 4.23 -2.85
C GLY A 27 -1.68 5.45 -2.85
N GLU A 28 -2.65 5.45 -1.99
CA GLU A 28 -3.69 6.45 -1.98
C GLU A 28 -3.52 7.52 -0.93
N SER A 29 -2.31 7.72 -0.49
CA SER A 29 -2.05 8.76 0.45
C SER A 29 -1.19 9.84 -0.15
N ASP A 30 -1.84 10.93 -0.49
CA ASP A 30 -1.18 12.15 -0.96
C ASP A 30 -1.45 13.19 0.10
N PRO A 31 -0.45 14.01 0.46
CA PRO A 31 -0.56 15.05 1.51
C PRO A 31 -1.78 15.98 1.40
N ARG A 32 -2.39 16.08 0.24
CA ARG A 32 -3.54 16.94 0.08
C ARG A 32 -4.83 16.22 0.44
N ASN A 33 -4.92 14.95 0.10
CA ASN A 33 -6.13 14.21 0.37
C ASN A 33 -6.11 13.54 1.72
N PRO A 34 -7.03 13.93 2.62
CA PRO A 34 -7.16 13.31 3.92
C PRO A 34 -7.96 12.02 3.78
N LYS A 35 -7.35 10.93 4.11
CA LYS A 35 -7.93 9.62 3.86
C LYS A 35 -8.38 8.92 5.11
N ALA A 36 -9.52 8.28 5.01
CA ALA A 36 -9.95 7.33 5.99
C ALA A 36 -9.24 6.02 5.65
N CYS A 37 -8.54 5.48 6.58
CA CYS A 37 -7.68 4.35 6.28
C CYS A 37 -7.92 3.20 7.22
N THR A 38 -7.69 1.99 6.72
CA THR A 38 -7.67 0.83 7.58
C THR A 38 -6.43 1.00 8.47
N LEU A 39 -6.53 0.66 9.70
CA LEU A 39 -5.48 0.93 10.63
C LEU A 39 -4.74 -0.34 10.98
N ASN A 40 -5.29 -1.45 10.59
CA ASN A 40 -4.71 -2.72 10.91
C ASN A 40 -4.15 -3.42 9.69
N CYS A 41 -3.32 -4.41 9.95
CA CYS A 41 -2.59 -5.22 8.97
C CYS A 41 -3.49 -5.68 7.81
N ASP A 42 -2.98 -5.56 6.58
CA ASP A 42 -3.76 -5.96 5.42
C ASP A 42 -2.99 -7.07 4.70
N PRO A 43 -3.23 -8.34 5.08
CA PRO A 43 -2.46 -9.52 4.60
C PRO A 43 -2.64 -9.86 3.10
N ARG A 44 -3.40 -9.04 2.41
CA ARG A 44 -3.61 -9.17 0.98
C ARG A 44 -2.37 -8.67 0.25
N ILE A 45 -1.65 -7.82 0.92
CA ILE A 45 -0.51 -7.15 0.40
C ILE A 45 0.78 -7.88 0.80
N ALA A 46 1.77 -7.77 -0.07
CA ALA A 46 3.09 -8.27 0.24
C ALA A 46 3.97 -7.09 0.56
N TYR A 47 3.99 -6.12 -0.35
CA TYR A 47 4.76 -4.90 -0.19
C TYR A 47 4.24 -3.84 -1.15
N GLY A 48 4.70 -2.64 -0.99
CA GLY A 48 4.34 -1.57 -1.86
C GLY A 48 5.45 -1.31 -2.83
N VAL A 49 5.33 -1.85 -4.01
CA VAL A 49 6.36 -1.77 -5.01
C VAL A 49 6.30 -0.43 -5.68
N CYS A 50 7.28 0.39 -5.40
CA CYS A 50 7.45 1.64 -6.08
C CYS A 50 8.11 1.32 -7.42
N PRO A 51 7.42 1.55 -8.55
CA PRO A 51 7.88 1.13 -9.88
C PRO A 51 9.18 1.78 -10.33
N ARG A 52 10.16 0.95 -10.60
CA ARG A 52 11.41 1.41 -11.14
C ARG A 52 11.35 1.35 -12.65
N SER A 53 10.73 2.32 -13.25
CA SER A 53 10.59 2.37 -14.66
C SER A 53 11.38 3.56 -15.22
N ASP A 1 6.57 -4.97 14.73
CA ASP A 1 6.39 -5.18 13.29
C ASP A 1 5.44 -6.32 13.05
N ARG A 2 4.80 -6.29 11.92
CA ARG A 2 3.82 -7.24 11.49
C ARG A 2 3.57 -6.91 10.04
N ILE A 3 3.02 -7.82 9.27
CA ILE A 3 2.66 -7.48 7.90
C ILE A 3 1.36 -6.65 7.91
N CYS A 4 1.54 -5.39 8.15
CA CYS A 4 0.48 -4.47 8.29
C CYS A 4 0.62 -3.32 7.32
N THR A 5 0.98 -3.66 6.12
CA THR A 5 1.05 -2.72 5.04
C THR A 5 -0.39 -2.49 4.58
N ASN A 6 -0.73 -1.32 4.09
CA ASN A 6 -2.13 -1.07 3.75
C ASN A 6 -2.34 -0.54 2.35
N CYS A 7 -3.41 -0.98 1.74
CA CYS A 7 -3.83 -0.56 0.40
C CYS A 7 -4.93 0.53 0.56
N CYS A 8 -5.06 1.02 1.76
CA CYS A 8 -6.09 1.98 2.11
C CYS A 8 -5.61 3.40 1.79
N ALA A 9 -4.66 3.87 2.56
CA ALA A 9 -4.06 5.15 2.30
C ALA A 9 -2.83 4.93 1.43
N GLY A 10 -1.81 4.35 2.05
CA GLY A 10 -0.60 4.07 1.38
C GLY A 10 0.21 5.31 1.09
N THR A 11 1.10 5.21 0.14
CA THR A 11 1.91 6.31 -0.28
C THR A 11 1.69 6.55 -1.76
N LYS A 12 0.83 7.52 -2.08
CA LYS A 12 0.56 7.97 -3.44
C LYS A 12 1.83 8.04 -4.28
N GLY A 13 1.83 7.32 -5.37
CA GLY A 13 2.94 7.32 -6.27
C GLY A 13 3.57 5.96 -6.38
N CYS A 14 3.69 5.29 -5.26
CA CYS A 14 4.29 3.98 -5.22
C CYS A 14 3.23 2.91 -5.44
N LYS A 15 3.60 1.83 -6.06
CA LYS A 15 2.66 0.79 -6.40
C LYS A 15 2.70 -0.30 -5.36
N TYR A 16 1.62 -0.48 -4.68
CA TYR A 16 1.52 -1.46 -3.64
C TYR A 16 1.35 -2.83 -4.28
N PHE A 17 2.31 -3.64 -4.04
CA PHE A 17 2.49 -4.84 -4.76
C PHE A 17 2.83 -6.02 -3.86
N SER A 18 2.40 -7.16 -4.29
CA SER A 18 2.64 -8.38 -3.61
C SER A 18 3.88 -9.01 -4.24
N ASP A 19 4.80 -9.48 -3.40
CA ASP A 19 6.17 -9.91 -3.78
C ASP A 19 6.22 -11.00 -4.87
N ASP A 20 5.14 -11.72 -5.04
CA ASP A 20 5.07 -12.80 -6.05
C ASP A 20 4.91 -12.22 -7.47
N GLY A 21 4.58 -10.95 -7.56
CA GLY A 21 4.40 -10.33 -8.85
C GLY A 21 2.97 -9.90 -9.07
N THR A 22 2.24 -9.77 -8.00
CA THR A 22 0.86 -9.35 -8.10
C THR A 22 0.70 -7.89 -7.67
N PHE A 23 0.42 -7.04 -8.62
CA PHE A 23 0.14 -5.64 -8.35
C PHE A 23 -1.24 -5.55 -7.70
N VAL A 24 -1.30 -4.90 -6.55
CA VAL A 24 -2.54 -4.80 -5.83
C VAL A 24 -3.23 -3.48 -6.13
N CYS A 25 -2.57 -2.40 -5.81
CA CYS A 25 -3.13 -1.07 -5.97
C CYS A 25 -2.00 -0.08 -5.95
N GLU A 26 -2.21 1.08 -6.46
CA GLU A 26 -1.23 2.11 -6.38
C GLU A 26 -1.60 2.99 -5.20
N GLY A 27 -0.58 3.50 -4.49
CA GLY A 27 -0.80 4.34 -3.31
C GLY A 27 -1.84 5.40 -3.55
N GLU A 28 -2.86 5.39 -2.74
CA GLU A 28 -3.99 6.25 -2.93
C GLU A 28 -3.72 7.63 -2.36
N SER A 29 -3.33 7.66 -1.13
CA SER A 29 -3.23 8.88 -0.42
C SER A 29 -1.81 9.34 -0.30
N ASP A 30 -1.65 10.62 -0.35
CA ASP A 30 -0.40 11.26 -0.10
C ASP A 30 -0.39 11.46 1.39
N PRO A 31 0.75 11.24 2.05
CA PRO A 31 0.87 11.36 3.52
C PRO A 31 0.31 12.68 4.10
N ARG A 32 0.17 13.70 3.26
CA ARG A 32 -0.37 14.97 3.69
C ARG A 32 -1.91 15.00 3.70
N ASN A 33 -2.57 14.12 2.94
CA ASN A 33 -4.02 14.13 2.98
C ASN A 33 -4.54 13.18 4.06
N PRO A 34 -5.27 13.73 5.04
CA PRO A 34 -5.67 13.03 6.25
C PRO A 34 -6.82 12.01 6.09
N LYS A 35 -6.51 10.89 5.49
CA LYS A 35 -7.44 9.78 5.45
C LYS A 35 -6.75 8.52 5.87
N ALA A 36 -6.08 8.63 6.97
CA ALA A 36 -5.32 7.54 7.50
C ALA A 36 -6.25 6.58 8.22
N CYS A 37 -6.21 5.37 7.78
CA CYS A 37 -7.08 4.33 8.27
C CYS A 37 -6.51 3.78 9.59
N THR A 38 -7.27 2.93 10.28
CA THR A 38 -6.90 2.39 11.59
C THR A 38 -5.48 1.80 11.60
N LEU A 39 -5.29 0.76 10.85
CA LEU A 39 -3.98 0.16 10.72
C LEU A 39 -3.94 -0.56 9.39
N ASN A 40 -4.93 -1.41 9.20
CA ASN A 40 -5.11 -2.19 7.97
C ASN A 40 -3.93 -3.09 7.71
N CYS A 41 -3.88 -4.20 8.39
CA CYS A 41 -2.88 -5.18 8.12
C CYS A 41 -3.38 -5.97 6.93
N ASP A 42 -3.01 -5.51 5.76
CA ASP A 42 -3.54 -6.01 4.51
C ASP A 42 -2.68 -7.14 3.95
N PRO A 43 -3.19 -8.39 3.98
CA PRO A 43 -2.45 -9.58 3.52
C PRO A 43 -2.31 -9.60 1.99
N ARG A 44 -2.96 -8.67 1.33
CA ARG A 44 -2.90 -8.56 -0.11
C ARG A 44 -1.56 -7.97 -0.53
N ILE A 45 -1.06 -7.05 0.26
CA ILE A 45 0.10 -6.31 -0.12
C ILE A 45 1.35 -6.68 0.69
N ALA A 46 2.47 -6.82 -0.02
CA ALA A 46 3.75 -7.12 0.61
C ALA A 46 4.50 -5.84 0.88
N TYR A 47 4.79 -5.10 -0.18
CA TYR A 47 5.48 -3.83 -0.06
C TYR A 47 5.12 -2.94 -1.24
N GLY A 48 5.43 -1.69 -1.11
CA GLY A 48 5.13 -0.76 -2.15
C GLY A 48 6.34 -0.49 -3.01
N VAL A 49 6.27 -0.88 -4.24
CA VAL A 49 7.33 -0.66 -5.18
C VAL A 49 7.06 0.64 -5.89
N CYS A 50 7.88 1.60 -5.68
CA CYS A 50 7.72 2.84 -6.36
C CYS A 50 8.31 2.64 -7.75
N PRO A 51 7.63 3.16 -8.79
CA PRO A 51 8.02 2.97 -10.21
C PRO A 51 9.46 3.36 -10.53
N ARG A 52 10.37 2.45 -10.28
CA ARG A 52 11.77 2.63 -10.54
C ARG A 52 12.26 1.52 -11.44
N SER A 53 11.36 1.00 -12.22
CA SER A 53 11.67 -0.09 -13.12
C SER A 53 10.81 0.05 -14.37
N ASP A 1 2.16 -6.81 16.15
CA ASP A 1 2.11 -6.28 14.78
C ASP A 1 2.28 -7.40 13.78
N ARG A 2 1.46 -7.37 12.77
CA ARG A 2 1.55 -8.27 11.65
C ARG A 2 1.98 -7.44 10.46
N ILE A 3 1.81 -7.88 9.25
CA ILE A 3 2.13 -7.02 8.13
C ILE A 3 1.07 -5.89 8.07
N CYS A 4 1.48 -4.71 8.43
CA CYS A 4 0.56 -3.63 8.55
C CYS A 4 0.59 -2.71 7.37
N THR A 5 0.82 -3.26 6.25
CA THR A 5 0.70 -2.56 5.03
C THR A 5 -0.74 -2.77 4.54
N ASN A 6 -1.29 -1.79 3.89
CA ASN A 6 -2.64 -1.88 3.33
C ASN A 6 -2.74 -0.86 2.26
N CYS A 7 -3.89 -0.65 1.72
CA CYS A 7 -4.05 0.24 0.61
C CYS A 7 -3.95 1.71 1.12
N CYS A 8 -4.35 1.92 2.36
CA CYS A 8 -4.23 3.22 3.01
C CYS A 8 -2.80 3.41 3.52
N ALA A 9 -2.28 2.38 4.13
CA ALA A 9 -0.95 2.36 4.76
C ALA A 9 0.22 2.35 3.73
N GLY A 10 0.19 3.24 2.76
CA GLY A 10 1.27 3.33 1.83
C GLY A 10 1.42 4.72 1.27
N THR A 11 1.33 4.84 -0.03
CA THR A 11 1.46 6.11 -0.73
C THR A 11 0.81 5.97 -2.12
N LYS A 12 0.07 6.99 -2.57
CA LYS A 12 -0.49 6.99 -3.93
C LYS A 12 0.64 6.85 -4.92
N GLY A 13 0.47 5.94 -5.82
CA GLY A 13 1.50 5.62 -6.76
C GLY A 13 2.03 4.23 -6.50
N CYS A 14 2.04 3.85 -5.24
CA CYS A 14 2.52 2.54 -4.83
C CYS A 14 1.45 1.51 -5.07
N LYS A 15 1.80 0.52 -5.84
CA LYS A 15 0.92 -0.56 -6.11
C LYS A 15 1.07 -1.58 -5.02
N TYR A 16 0.08 -1.70 -4.19
CA TYR A 16 0.12 -2.68 -3.14
C TYR A 16 -0.02 -4.00 -3.77
N PHE A 17 0.91 -4.82 -3.48
CA PHE A 17 1.10 -6.02 -4.18
C PHE A 17 1.56 -7.12 -3.26
N SER A 18 1.12 -8.29 -3.57
CA SER A 18 1.45 -9.48 -2.88
C SER A 18 2.62 -10.08 -3.60
N ASP A 19 3.65 -10.43 -2.85
CA ASP A 19 4.95 -10.89 -3.37
C ASP A 19 4.84 -12.16 -4.21
N ASP A 20 3.73 -12.86 -4.07
CA ASP A 20 3.48 -14.06 -4.85
C ASP A 20 3.14 -13.69 -6.30
N GLY A 21 2.93 -12.41 -6.54
CA GLY A 21 2.67 -11.92 -7.86
C GLY A 21 1.30 -11.32 -8.00
N THR A 22 0.58 -11.21 -6.91
CA THR A 22 -0.79 -10.70 -6.95
C THR A 22 -0.83 -9.18 -6.76
N PHE A 23 -1.39 -8.48 -7.71
CA PHE A 23 -1.60 -7.06 -7.59
C PHE A 23 -2.84 -6.85 -6.72
N VAL A 24 -2.78 -5.89 -5.82
CA VAL A 24 -3.90 -5.65 -4.94
C VAL A 24 -4.62 -4.34 -5.29
N CYS A 25 -3.94 -3.19 -5.16
CA CYS A 25 -4.58 -1.89 -5.45
C CYS A 25 -3.56 -0.77 -5.39
N GLU A 26 -3.94 0.40 -5.84
CA GLU A 26 -3.17 1.59 -5.66
C GLU A 26 -3.98 2.46 -4.72
N GLY A 27 -3.43 2.73 -3.58
CA GLY A 27 -4.18 3.37 -2.51
C GLY A 27 -4.36 4.84 -2.65
N GLU A 28 -5.10 5.40 -1.71
CA GLU A 28 -5.44 6.81 -1.71
C GLU A 28 -4.61 7.56 -0.69
N SER A 29 -3.42 7.08 -0.45
CA SER A 29 -2.52 7.72 0.47
C SER A 29 -1.81 8.86 -0.23
N ASP A 30 -2.57 9.89 -0.47
CA ASP A 30 -2.12 11.09 -1.14
C ASP A 30 -1.55 12.05 -0.10
N PRO A 31 -0.44 12.75 -0.41
CA PRO A 31 0.25 13.68 0.50
C PRO A 31 -0.65 14.48 1.47
N ARG A 32 -1.75 15.03 0.97
CA ARG A 32 -2.57 15.89 1.76
C ARG A 32 -3.86 15.23 2.26
N ASN A 33 -4.00 13.93 2.09
CA ASN A 33 -5.24 13.27 2.50
C ASN A 33 -5.08 12.80 3.96
N PRO A 34 -6.16 12.58 4.70
CA PRO A 34 -6.09 12.04 6.05
C PRO A 34 -5.98 10.50 6.03
N LYS A 35 -4.77 9.99 5.90
CA LYS A 35 -4.54 8.56 5.80
C LYS A 35 -4.46 7.90 7.17
N ALA A 36 -5.48 8.12 7.92
CA ALA A 36 -5.61 7.57 9.24
C ALA A 36 -6.69 6.51 9.19
N CYS A 37 -6.30 5.35 8.79
CA CYS A 37 -7.21 4.26 8.59
C CYS A 37 -6.99 3.22 9.66
N THR A 38 -8.02 2.90 10.38
CA THR A 38 -7.93 1.98 11.49
C THR A 38 -8.15 0.51 11.04
N LEU A 39 -7.49 0.13 9.96
CA LEU A 39 -7.60 -1.21 9.40
C LEU A 39 -6.32 -1.53 8.63
N ASN A 40 -5.27 -0.86 9.00
CA ASN A 40 -4.07 -0.86 8.21
C ASN A 40 -3.09 -1.95 8.58
N CYS A 41 -3.55 -3.18 8.52
CA CYS A 41 -2.72 -4.36 8.70
C CYS A 41 -3.30 -5.47 7.84
N ASP A 42 -3.08 -5.38 6.53
CA ASP A 42 -3.68 -6.33 5.60
C ASP A 42 -2.73 -7.48 5.33
N PRO A 43 -3.08 -8.69 5.77
CA PRO A 43 -2.21 -9.86 5.67
C PRO A 43 -2.05 -10.40 4.25
N ARG A 44 -2.88 -9.93 3.33
CA ARG A 44 -2.78 -10.39 1.97
C ARG A 44 -1.82 -9.51 1.16
N ILE A 45 -1.47 -8.38 1.73
CA ILE A 45 -0.57 -7.45 1.08
C ILE A 45 0.83 -7.66 1.61
N ALA A 46 1.79 -7.63 0.72
CA ALA A 46 3.17 -7.80 1.11
C ALA A 46 3.85 -6.45 1.22
N TYR A 47 3.86 -5.72 0.14
CA TYR A 47 4.45 -4.40 0.13
C TYR A 47 3.85 -3.55 -0.96
N GLY A 48 4.02 -2.26 -0.83
CA GLY A 48 3.56 -1.34 -1.82
C GLY A 48 4.66 -1.01 -2.76
N VAL A 49 4.58 -1.53 -3.96
CA VAL A 49 5.60 -1.38 -4.94
C VAL A 49 5.40 -0.09 -5.74
N CYS A 50 6.24 0.88 -5.49
CA CYS A 50 6.26 2.10 -6.26
C CYS A 50 7.27 1.93 -7.39
N PRO A 51 6.86 2.12 -8.64
CA PRO A 51 7.69 1.90 -9.80
C PRO A 51 8.71 3.02 -10.03
N ARG A 52 9.78 2.99 -9.27
CA ARG A 52 10.88 3.92 -9.45
C ARG A 52 11.74 3.40 -10.59
N SER A 53 12.08 2.16 -10.50
CA SER A 53 12.82 1.47 -11.51
C SER A 53 12.24 0.07 -11.57
N ASP A 1 7.18 -12.42 5.42
CA ASP A 1 6.29 -12.71 6.55
C ASP A 1 6.12 -11.43 7.37
N ARG A 2 5.46 -11.50 8.53
CA ARG A 2 5.12 -10.34 9.33
C ARG A 2 4.15 -9.49 8.54
N ILE A 3 3.09 -10.13 8.08
CA ILE A 3 2.11 -9.54 7.17
C ILE A 3 1.14 -8.53 7.89
N CYS A 4 1.70 -7.69 8.70
CA CYS A 4 0.93 -6.71 9.40
C CYS A 4 1.05 -5.36 8.77
N THR A 5 1.19 -5.39 7.49
CA THR A 5 1.24 -4.24 6.68
C THR A 5 -0.20 -3.86 6.30
N ASN A 6 -0.40 -2.65 5.84
CA ASN A 6 -1.72 -2.20 5.46
C ASN A 6 -1.69 -1.53 4.10
N CYS A 7 -2.81 -1.51 3.45
CA CYS A 7 -2.95 -1.03 2.09
C CYS A 7 -3.15 0.49 2.03
N CYS A 8 -3.49 1.11 3.12
CA CYS A 8 -3.78 2.52 3.03
C CYS A 8 -2.56 3.42 3.27
N ALA A 9 -2.04 3.38 4.51
CA ALA A 9 -1.05 4.33 5.02
C ALA A 9 0.40 4.13 4.49
N GLY A 10 0.57 3.99 3.19
CA GLY A 10 1.89 3.91 2.62
C GLY A 10 2.26 5.23 1.93
N THR A 11 2.04 5.29 0.63
CA THR A 11 2.34 6.46 -0.18
C THR A 11 1.60 6.34 -1.53
N LYS A 12 0.92 7.42 -1.95
CA LYS A 12 0.24 7.41 -3.24
C LYS A 12 1.27 7.29 -4.35
N GLY A 13 0.94 6.58 -5.38
CA GLY A 13 1.89 6.32 -6.43
C GLY A 13 2.50 4.94 -6.30
N CYS A 14 2.71 4.50 -5.07
CA CYS A 14 3.29 3.19 -4.83
C CYS A 14 2.20 2.13 -4.96
N LYS A 15 2.58 0.97 -5.44
CA LYS A 15 1.66 -0.12 -5.63
C LYS A 15 1.76 -1.05 -4.44
N TYR A 16 0.71 -1.14 -3.65
CA TYR A 16 0.70 -2.09 -2.55
C TYR A 16 0.58 -3.45 -3.17
N PHE A 17 1.58 -4.23 -2.95
CA PHE A 17 1.79 -5.40 -3.71
C PHE A 17 1.83 -6.64 -2.88
N SER A 18 1.32 -7.66 -3.47
CA SER A 18 1.27 -8.98 -2.91
C SER A 18 2.45 -9.72 -3.49
N ASP A 19 3.32 -10.24 -2.65
CA ASP A 19 4.55 -10.87 -3.15
C ASP A 19 4.21 -12.11 -3.93
N ASP A 20 3.12 -12.75 -3.52
CA ASP A 20 2.64 -13.95 -4.14
C ASP A 20 1.37 -13.68 -4.97
N GLY A 21 1.12 -12.41 -5.32
CA GLY A 21 -0.09 -12.11 -6.04
C GLY A 21 -0.13 -10.78 -6.75
N THR A 22 1.05 -10.19 -7.01
CA THR A 22 1.20 -8.93 -7.72
C THR A 22 0.39 -7.73 -7.08
N PHE A 23 0.33 -6.60 -7.80
CA PHE A 23 -0.42 -5.39 -7.42
C PHE A 23 -1.79 -5.70 -6.77
N VAL A 24 -2.00 -5.15 -5.60
CA VAL A 24 -3.24 -5.32 -4.89
C VAL A 24 -4.04 -4.01 -4.94
N CYS A 25 -3.45 -2.96 -4.45
CA CYS A 25 -4.11 -1.69 -4.38
C CYS A 25 -3.09 -0.58 -4.55
N GLU A 26 -3.54 0.62 -4.81
CA GLU A 26 -2.64 1.73 -5.04
C GLU A 26 -2.73 2.72 -3.88
N GLY A 27 -1.74 3.62 -3.81
CA GLY A 27 -1.62 4.58 -2.74
C GLY A 27 -2.85 5.43 -2.45
N GLU A 28 -3.16 5.55 -1.17
CA GLU A 28 -4.28 6.37 -0.72
C GLU A 28 -3.73 7.43 0.30
N SER A 29 -2.43 7.49 0.39
CA SER A 29 -1.77 8.41 1.27
C SER A 29 -1.26 9.62 0.50
N ASP A 30 -1.97 10.70 0.59
CA ASP A 30 -1.56 11.97 0.02
C ASP A 30 -1.17 12.87 1.18
N PRO A 31 -0.15 13.74 1.04
CA PRO A 31 0.30 14.63 2.12
C PRO A 31 -0.81 15.55 2.67
N ARG A 32 -1.77 15.91 1.84
CA ARG A 32 -2.80 16.87 2.21
C ARG A 32 -4.07 16.16 2.65
N ASN A 33 -4.43 15.11 1.93
CA ASN A 33 -5.70 14.40 2.14
C ASN A 33 -5.87 13.84 3.57
N PRO A 34 -7.09 13.96 4.11
CA PRO A 34 -7.42 13.39 5.41
C PRO A 34 -7.39 11.86 5.32
N LYS A 35 -6.78 11.23 6.29
CA LYS A 35 -6.59 9.81 6.20
C LYS A 35 -7.15 9.05 7.38
N ALA A 36 -8.20 8.30 7.07
CA ALA A 36 -8.82 7.37 7.98
C ALA A 36 -8.59 5.99 7.38
N CYS A 37 -7.44 5.47 7.62
CA CYS A 37 -7.00 4.26 7.01
C CYS A 37 -7.15 3.05 7.90
N THR A 38 -7.50 1.95 7.27
CA THR A 38 -7.52 0.67 7.90
C THR A 38 -6.06 0.27 8.12
N LEU A 39 -5.67 0.14 9.36
CA LEU A 39 -4.30 -0.13 9.71
C LEU A 39 -4.19 -1.53 10.29
N ASN A 40 -4.97 -2.40 9.74
CA ASN A 40 -5.02 -3.79 10.19
C ASN A 40 -4.05 -4.59 9.35
N CYS A 41 -3.64 -5.74 9.86
CA CYS A 41 -2.73 -6.62 9.16
C CYS A 41 -3.44 -7.19 7.92
N ASP A 42 -3.07 -6.69 6.75
CA ASP A 42 -3.67 -7.09 5.50
C ASP A 42 -2.83 -8.14 4.82
N PRO A 43 -3.32 -9.39 4.76
CA PRO A 43 -2.58 -10.53 4.20
C PRO A 43 -2.24 -10.42 2.70
N ARG A 44 -2.79 -9.44 2.02
CA ARG A 44 -2.48 -9.27 0.63
C ARG A 44 -1.31 -8.35 0.43
N ILE A 45 -1.18 -7.36 1.26
CA ILE A 45 -0.12 -6.42 1.06
C ILE A 45 1.16 -6.88 1.75
N ALA A 46 2.05 -7.43 0.95
CA ALA A 46 3.31 -7.92 1.45
C ALA A 46 4.27 -6.77 1.63
N TYR A 47 4.23 -5.85 0.69
CA TYR A 47 5.05 -4.65 0.71
C TYR A 47 4.58 -3.73 -0.37
N GLY A 48 5.12 -2.56 -0.39
CA GLY A 48 4.75 -1.61 -1.39
C GLY A 48 5.80 -1.53 -2.46
N VAL A 49 5.41 -1.76 -3.67
CA VAL A 49 6.30 -1.65 -4.80
C VAL A 49 6.09 -0.27 -5.41
N CYS A 50 6.98 0.61 -5.10
CA CYS A 50 6.94 1.94 -5.63
C CYS A 50 7.55 1.90 -7.03
N PRO A 51 7.16 2.85 -7.92
CA PRO A 51 7.64 2.90 -9.31
C PRO A 51 9.12 3.29 -9.43
N ARG A 52 9.97 2.46 -8.87
CA ARG A 52 11.40 2.62 -8.94
C ARG A 52 11.99 1.32 -9.45
N SER A 53 11.10 0.47 -9.93
CA SER A 53 11.40 -0.80 -10.48
C SER A 53 10.55 -0.95 -11.73
N ASP A 1 1.38 -10.05 13.38
CA ASP A 1 1.76 -10.73 12.15
C ASP A 1 3.03 -10.14 11.60
N ARG A 2 3.33 -10.40 10.35
CA ARG A 2 4.54 -9.92 9.72
C ARG A 2 4.17 -8.99 8.56
N ILE A 3 3.31 -9.47 7.67
CA ILE A 3 2.89 -8.69 6.50
C ILE A 3 1.73 -7.74 6.88
N CYS A 4 1.98 -6.93 7.87
CA CYS A 4 1.01 -6.01 8.38
C CYS A 4 1.10 -4.66 7.70
N THR A 5 0.98 -4.69 6.42
CA THR A 5 0.89 -3.51 5.63
C THR A 5 -0.59 -3.14 5.49
N ASN A 6 -0.88 -2.09 4.78
CA ASN A 6 -2.26 -1.70 4.48
C ASN A 6 -2.27 -0.88 3.25
N CYS A 7 -3.29 -1.05 2.43
CA CYS A 7 -3.35 -0.39 1.13
C CYS A 7 -3.35 1.13 1.27
N CYS A 8 -4.17 1.62 2.18
CA CYS A 8 -4.34 3.03 2.38
C CYS A 8 -3.08 3.65 2.94
N ALA A 9 -2.59 3.07 4.01
CA ALA A 9 -1.43 3.57 4.74
C ALA A 9 -0.08 3.27 4.05
N GLY A 10 -0.05 3.32 2.73
CA GLY A 10 1.17 3.14 2.02
C GLY A 10 1.63 4.44 1.42
N THR A 11 2.82 4.46 0.89
CA THR A 11 3.39 5.66 0.32
C THR A 11 2.75 5.97 -1.03
N LYS A 12 2.16 7.16 -1.19
CA LYS A 12 1.65 7.58 -2.50
C LYS A 12 2.79 7.57 -3.53
N GLY A 13 2.47 7.21 -4.74
CA GLY A 13 3.48 7.09 -5.77
C GLY A 13 3.96 5.66 -5.89
N CYS A 14 3.84 4.93 -4.82
CA CYS A 14 4.23 3.56 -4.79
C CYS A 14 3.02 2.70 -5.14
N LYS A 15 3.21 1.80 -6.06
CA LYS A 15 2.19 0.88 -6.47
C LYS A 15 2.21 -0.28 -5.49
N TYR A 16 1.24 -0.28 -4.61
CA TYR A 16 1.11 -1.30 -3.57
C TYR A 16 0.92 -2.62 -4.25
N PHE A 17 1.79 -3.52 -3.95
CA PHE A 17 1.91 -4.72 -4.69
C PHE A 17 2.36 -5.88 -3.81
N SER A 18 1.94 -7.03 -4.18
CA SER A 18 2.30 -8.25 -3.54
C SER A 18 3.55 -8.75 -4.23
N ASP A 19 4.51 -9.15 -3.42
CA ASP A 19 5.88 -9.56 -3.83
C ASP A 19 5.90 -10.55 -5.00
N ASP A 20 4.90 -11.41 -5.08
CA ASP A 20 4.79 -12.43 -6.13
C ASP A 20 4.51 -11.83 -7.51
N GLY A 21 4.01 -10.60 -7.54
CA GLY A 21 3.71 -9.99 -8.81
C GLY A 21 2.25 -9.55 -8.92
N THR A 22 1.58 -9.41 -7.80
CA THR A 22 0.17 -9.03 -7.82
C THR A 22 -0.02 -7.55 -7.42
N PHE A 23 -0.69 -6.78 -8.26
CA PHE A 23 -0.96 -5.38 -7.99
C PHE A 23 -2.13 -5.27 -7.00
N VAL A 24 -2.00 -4.37 -6.04
CA VAL A 24 -3.03 -4.16 -5.04
C VAL A 24 -3.72 -2.79 -5.20
N CYS A 25 -2.94 -1.72 -5.21
CA CYS A 25 -3.47 -0.34 -5.36
C CYS A 25 -2.32 0.62 -5.70
N GLU A 26 -2.60 1.90 -5.91
CA GLU A 26 -1.57 2.85 -6.33
C GLU A 26 -1.82 4.28 -5.77
N GLY A 27 -1.06 4.65 -4.75
CA GLY A 27 -1.14 5.98 -4.17
C GLY A 27 -2.39 6.20 -3.32
N GLU A 28 -2.34 5.80 -2.07
CA GLU A 28 -3.46 5.97 -1.16
C GLU A 28 -3.21 7.01 -0.07
N SER A 29 -1.99 7.08 0.46
CA SER A 29 -1.68 8.05 1.48
C SER A 29 -0.85 9.19 0.93
N ASP A 30 -1.48 10.31 0.80
CA ASP A 30 -0.90 11.53 0.30
C ASP A 30 -1.48 12.64 1.17
N PRO A 31 -0.65 13.53 1.73
CA PRO A 31 -1.12 14.63 2.59
C PRO A 31 -2.06 15.64 1.88
N ARG A 32 -3.30 15.25 1.72
CA ARG A 32 -4.35 16.09 1.21
C ARG A 32 -5.60 15.79 1.98
N ASN A 33 -6.02 14.53 1.96
CA ASN A 33 -7.15 14.14 2.74
C ASN A 33 -6.72 13.87 4.17
N PRO A 34 -7.38 14.52 5.11
CA PRO A 34 -7.16 14.33 6.54
C PRO A 34 -7.67 12.95 7.00
N LYS A 35 -7.24 12.58 8.21
CA LYS A 35 -7.57 11.31 8.90
C LYS A 35 -6.66 10.18 8.44
N ALA A 36 -6.30 9.35 9.37
CA ALA A 36 -5.39 8.27 9.13
C ALA A 36 -6.14 7.03 8.70
N CYS A 37 -5.44 6.15 8.02
CA CYS A 37 -6.00 4.91 7.56
C CYS A 37 -5.90 3.87 8.66
N THR A 38 -6.64 2.78 8.53
CA THR A 38 -6.61 1.74 9.52
C THR A 38 -5.23 1.06 9.58
N LEU A 39 -4.94 0.47 10.71
CA LEU A 39 -3.69 -0.22 10.90
C LEU A 39 -3.87 -1.72 10.71
N ASN A 40 -5.07 -2.11 10.28
CA ASN A 40 -5.41 -3.52 10.02
C ASN A 40 -4.47 -4.11 8.98
N CYS A 41 -3.89 -5.23 9.32
CA CYS A 41 -2.97 -5.94 8.46
C CYS A 41 -3.67 -6.41 7.20
N ASP A 42 -3.16 -6.00 6.06
CA ASP A 42 -3.70 -6.39 4.77
C ASP A 42 -2.66 -7.27 4.09
N PRO A 43 -2.80 -8.60 4.21
CA PRO A 43 -1.78 -9.57 3.71
C PRO A 43 -1.74 -9.70 2.18
N ARG A 44 -2.44 -8.83 1.52
CA ARG A 44 -2.47 -8.79 0.08
C ARG A 44 -1.37 -7.87 -0.42
N ILE A 45 -1.12 -6.81 0.32
CA ILE A 45 -0.08 -5.89 -0.01
C ILE A 45 1.21 -6.25 0.72
N ALA A 46 2.26 -6.51 -0.02
CA ALA A 46 3.54 -6.81 0.59
C ALA A 46 4.27 -5.50 0.83
N TYR A 47 4.30 -4.67 -0.19
CA TYR A 47 4.90 -3.35 -0.12
C TYR A 47 4.51 -2.54 -1.32
N GLY A 48 4.80 -1.29 -1.28
CA GLY A 48 4.49 -0.44 -2.38
C GLY A 48 5.70 -0.26 -3.26
N VAL A 49 5.57 -0.63 -4.51
CA VAL A 49 6.67 -0.51 -5.44
C VAL A 49 6.58 0.83 -6.18
N CYS A 50 7.46 1.71 -5.83
CA CYS A 50 7.58 3.00 -6.49
C CYS A 50 8.42 2.83 -7.75
N PRO A 51 8.23 3.71 -8.77
CA PRO A 51 8.97 3.63 -10.05
C PRO A 51 10.48 3.48 -9.87
N ARG A 52 11.00 2.41 -10.42
CA ARG A 52 12.40 2.09 -10.37
C ARG A 52 13.05 2.60 -11.62
N SER A 53 12.31 2.49 -12.69
CA SER A 53 12.72 2.92 -13.99
C SER A 53 11.47 3.30 -14.77
N ASP A 1 2.02 -7.60 13.39
CA ASP A 1 3.33 -7.76 14.05
C ASP A 1 4.51 -7.29 13.16
N ARG A 2 4.81 -8.01 12.12
CA ARG A 2 5.94 -7.67 11.27
C ARG A 2 5.52 -7.27 9.86
N ILE A 3 4.51 -7.93 9.32
CA ILE A 3 4.02 -7.65 7.99
C ILE A 3 3.07 -6.45 8.05
N CYS A 4 3.59 -5.28 7.81
CA CYS A 4 2.82 -4.10 7.93
C CYS A 4 2.85 -3.25 6.68
N THR A 5 2.64 -3.89 5.59
CA THR A 5 2.47 -3.23 4.34
C THR A 5 0.99 -2.95 4.17
N ASN A 6 0.61 -1.70 4.10
CA ASN A 6 -0.80 -1.35 3.96
C ASN A 6 -0.95 -0.43 2.77
N CYS A 7 -2.14 -0.40 2.23
CA CYS A 7 -2.42 0.31 1.00
C CYS A 7 -2.82 1.77 1.24
N CYS A 8 -3.73 2.00 2.18
CA CYS A 8 -4.28 3.34 2.42
C CYS A 8 -3.19 4.31 2.83
N ALA A 9 -2.47 3.94 3.84
CA ALA A 9 -1.43 4.78 4.38
C ALA A 9 -0.08 4.50 3.71
N GLY A 10 -0.12 3.99 2.50
CA GLY A 10 1.10 3.74 1.80
C GLY A 10 1.49 4.93 0.98
N THR A 11 2.77 5.09 0.79
CA THR A 11 3.33 6.23 0.10
C THR A 11 2.81 6.32 -1.35
N LYS A 12 2.11 7.42 -1.64
CA LYS A 12 1.52 7.66 -2.96
C LYS A 12 2.52 7.52 -4.10
N GLY A 13 2.40 6.45 -4.84
CA GLY A 13 3.27 6.20 -5.95
C GLY A 13 3.77 4.79 -5.93
N CYS A 14 3.91 4.26 -4.74
CA CYS A 14 4.35 2.90 -4.57
C CYS A 14 3.16 1.98 -4.65
N LYS A 15 3.21 1.08 -5.59
CA LYS A 15 2.16 0.13 -5.81
C LYS A 15 2.29 -0.98 -4.80
N TYR A 16 1.43 -1.03 -3.84
CA TYR A 16 1.46 -2.09 -2.88
C TYR A 16 1.00 -3.36 -3.56
N PHE A 17 1.94 -4.21 -3.73
CA PHE A 17 1.85 -5.32 -4.60
C PHE A 17 2.36 -6.59 -3.94
N SER A 18 1.81 -7.68 -4.35
CA SER A 18 2.21 -8.98 -3.90
C SER A 18 3.35 -9.42 -4.80
N ASP A 19 4.44 -9.85 -4.19
CA ASP A 19 5.73 -10.10 -4.89
C ASP A 19 5.67 -11.23 -5.91
N ASP A 20 4.58 -11.96 -5.92
CA ASP A 20 4.35 -13.04 -6.87
C ASP A 20 3.89 -12.49 -8.23
N GLY A 21 3.58 -11.21 -8.27
CA GLY A 21 3.15 -10.60 -9.51
C GLY A 21 1.69 -10.23 -9.47
N THR A 22 1.22 -9.84 -8.32
CA THR A 22 -0.16 -9.44 -8.15
C THR A 22 -0.26 -8.04 -7.56
N PHE A 23 -0.62 -7.10 -8.37
CA PHE A 23 -0.84 -5.73 -7.97
C PHE A 23 -2.12 -5.65 -7.14
N VAL A 24 -1.99 -5.12 -5.93
CA VAL A 24 -3.13 -4.98 -5.06
C VAL A 24 -3.76 -3.60 -5.26
N CYS A 25 -3.00 -2.57 -4.92
CA CYS A 25 -3.42 -1.18 -5.10
C CYS A 25 -2.24 -0.27 -4.84
N GLU A 26 -2.28 0.92 -5.36
CA GLU A 26 -1.22 1.87 -5.15
C GLU A 26 -1.49 2.59 -3.83
N GLY A 27 -0.45 2.80 -3.06
CA GLY A 27 -0.59 3.52 -1.84
C GLY A 27 -1.02 4.93 -2.13
N GLU A 28 -1.98 5.44 -1.41
CA GLU A 28 -2.48 6.74 -1.71
C GLU A 28 -2.45 7.65 -0.49
N SER A 29 -1.46 7.48 0.32
CA SER A 29 -1.25 8.38 1.41
C SER A 29 -0.52 9.56 0.85
N ASP A 30 -1.17 10.66 0.86
CA ASP A 30 -0.64 11.87 0.35
C ASP A 30 -0.27 12.74 1.52
N PRO A 31 0.93 13.33 1.49
CA PRO A 31 1.43 14.22 2.55
C PRO A 31 0.48 15.40 2.90
N ARG A 32 -0.49 15.67 2.06
CA ARG A 32 -1.45 16.71 2.33
C ARG A 32 -2.78 16.15 2.80
N ASN A 33 -3.10 14.92 2.38
CA ASN A 33 -4.43 14.38 2.65
C ASN A 33 -4.52 13.59 3.96
N PRO A 34 -5.60 13.80 4.71
CA PRO A 34 -5.89 13.01 5.87
C PRO A 34 -6.58 11.70 5.47
N LYS A 35 -6.02 10.60 5.86
CA LYS A 35 -6.59 9.32 5.48
C LYS A 35 -7.19 8.60 6.68
N ALA A 36 -8.34 8.01 6.49
CA ALA A 36 -9.03 7.30 7.53
C ALA A 36 -9.30 5.87 7.10
N CYS A 37 -8.41 4.98 7.45
CA CYS A 37 -8.53 3.56 7.09
C CYS A 37 -8.03 2.73 8.24
N THR A 38 -8.32 1.45 8.19
CA THR A 38 -7.85 0.51 9.17
C THR A 38 -6.33 0.35 9.03
N LEU A 39 -5.63 0.29 10.14
CA LEU A 39 -4.18 0.22 10.13
C LEU A 39 -3.74 -1.00 10.89
N ASN A 40 -4.35 -2.11 10.60
CA ASN A 40 -3.99 -3.39 11.23
C ASN A 40 -3.08 -4.17 10.31
N CYS A 41 -2.48 -3.45 9.39
CA CYS A 41 -1.50 -3.94 8.41
C CYS A 41 -2.13 -4.97 7.41
N ASP A 42 -1.56 -5.15 6.22
CA ASP A 42 -2.17 -6.09 5.28
C ASP A 42 -1.22 -7.20 4.84
N PRO A 43 -1.51 -8.44 5.25
CA PRO A 43 -0.67 -9.60 4.92
C PRO A 43 -0.78 -10.06 3.45
N ARG A 44 -1.65 -9.42 2.67
CA ARG A 44 -1.75 -9.76 1.25
C ARG A 44 -0.72 -8.99 0.45
N ILE A 45 -0.27 -7.91 1.02
CA ILE A 45 0.69 -7.06 0.38
C ILE A 45 2.08 -7.40 0.82
N ALA A 46 2.95 -7.52 -0.14
CA ALA A 46 4.33 -7.87 0.12
C ALA A 46 5.14 -6.61 0.37
N TYR A 47 5.08 -5.70 -0.59
CA TYR A 47 5.76 -4.42 -0.50
C TYR A 47 5.21 -3.47 -1.54
N GLY A 48 5.51 -2.21 -1.39
CA GLY A 48 5.09 -1.22 -2.34
C GLY A 48 6.16 -0.98 -3.38
N VAL A 49 5.87 -1.37 -4.58
CA VAL A 49 6.78 -1.21 -5.69
C VAL A 49 6.59 0.15 -6.35
N CYS A 50 7.60 0.97 -6.28
CA CYS A 50 7.60 2.23 -6.97
C CYS A 50 8.33 2.04 -8.28
N PRO A 51 7.59 1.98 -9.42
CA PRO A 51 8.15 1.70 -10.74
C PRO A 51 8.93 2.90 -11.29
N ARG A 52 10.20 2.93 -10.96
CA ARG A 52 11.07 4.00 -11.40
C ARG A 52 11.49 3.75 -12.82
N SER A 53 12.01 2.58 -13.06
CA SER A 53 12.48 2.15 -14.33
C SER A 53 12.54 0.65 -14.29
N ASP A 1 5.99 -9.82 13.58
CA ASP A 1 5.90 -8.87 12.47
C ASP A 1 4.79 -7.90 12.72
N ARG A 2 4.89 -6.74 12.15
CA ARG A 2 3.90 -5.71 12.29
C ARG A 2 3.86 -4.91 11.01
N ILE A 3 3.52 -5.58 9.93
CA ILE A 3 3.51 -4.97 8.63
C ILE A 3 2.17 -4.22 8.41
N CYS A 4 1.96 -3.22 9.22
CA CYS A 4 0.73 -2.46 9.19
C CYS A 4 0.71 -1.36 8.13
N THR A 5 1.10 -1.73 6.96
CA THR A 5 0.96 -0.88 5.82
C THR A 5 -0.40 -1.22 5.20
N ASN A 6 -0.94 -0.39 4.34
CA ASN A 6 -2.24 -0.69 3.69
C ASN A 6 -2.44 0.11 2.42
N CYS A 7 -3.22 -0.42 1.49
CA CYS A 7 -3.45 0.23 0.19
C CYS A 7 -4.25 1.53 0.33
N CYS A 8 -5.34 1.49 1.14
CA CYS A 8 -6.21 2.66 1.35
C CYS A 8 -5.40 3.79 1.90
N ALA A 9 -4.69 3.53 2.96
CA ALA A 9 -3.84 4.53 3.60
C ALA A 9 -2.46 4.58 2.94
N GLY A 10 -2.40 4.19 1.69
CA GLY A 10 -1.17 4.18 0.98
C GLY A 10 -0.95 5.44 0.23
N THR A 11 0.29 5.73 -0.04
CA THR A 11 0.68 6.93 -0.71
C THR A 11 0.56 6.79 -2.25
N LYS A 12 -0.43 7.50 -2.80
CA LYS A 12 -0.64 7.60 -4.25
C LYS A 12 0.68 7.91 -4.97
N GLY A 13 0.87 7.31 -6.12
CA GLY A 13 2.09 7.47 -6.84
C GLY A 13 2.90 6.19 -6.80
N CYS A 14 2.98 5.61 -5.62
CA CYS A 14 3.69 4.37 -5.46
C CYS A 14 2.69 3.23 -5.36
N LYS A 15 3.01 2.12 -5.98
CA LYS A 15 2.09 1.03 -6.06
C LYS A 15 2.41 -0.02 -5.03
N TYR A 16 1.43 -0.40 -4.30
CA TYR A 16 1.58 -1.33 -3.23
C TYR A 16 1.52 -2.74 -3.75
N PHE A 17 2.48 -3.51 -3.32
CA PHE A 17 2.75 -4.79 -3.87
C PHE A 17 3.16 -5.81 -2.79
N SER A 18 2.80 -7.05 -3.05
CA SER A 18 3.05 -8.16 -2.19
C SER A 18 4.38 -8.80 -2.55
N ASP A 19 5.11 -9.22 -1.53
CA ASP A 19 6.47 -9.80 -1.64
C ASP A 19 6.47 -11.13 -2.40
N ASP A 20 5.31 -11.71 -2.57
CA ASP A 20 5.20 -12.97 -3.28
C ASP A 20 5.09 -12.73 -4.80
N GLY A 21 4.98 -11.46 -5.17
CA GLY A 21 4.92 -11.10 -6.57
C GLY A 21 3.53 -10.72 -6.99
N THR A 22 2.79 -10.11 -6.11
CA THR A 22 1.42 -9.74 -6.42
C THR A 22 1.24 -8.22 -6.35
N PHE A 23 0.85 -7.63 -7.44
CA PHE A 23 0.52 -6.23 -7.48
C PHE A 23 -0.84 -6.08 -6.82
N VAL A 24 -0.95 -5.18 -5.88
CA VAL A 24 -2.19 -4.99 -5.21
C VAL A 24 -2.91 -3.80 -5.81
N CYS A 25 -2.40 -2.63 -5.54
CA CYS A 25 -3.01 -1.39 -6.02
C CYS A 25 -2.08 -0.26 -5.70
N GLU A 26 -2.32 0.88 -6.29
CA GLU A 26 -1.53 2.04 -6.02
C GLU A 26 -2.14 2.70 -4.80
N GLY A 27 -1.38 3.51 -4.10
CA GLY A 27 -1.87 4.18 -2.91
C GLY A 27 -3.19 4.90 -3.14
N GLU A 28 -4.17 4.62 -2.30
CA GLU A 28 -5.49 5.21 -2.42
C GLU A 28 -5.53 6.63 -1.87
N SER A 29 -4.61 6.96 -0.98
CA SER A 29 -4.60 8.24 -0.38
C SER A 29 -3.65 9.15 -1.12
N ASP A 30 -4.14 10.30 -1.49
CA ASP A 30 -3.35 11.27 -2.19
C ASP A 30 -2.49 11.98 -1.15
N PRO A 31 -1.16 11.98 -1.33
CA PRO A 31 -0.22 12.61 -0.38
C PRO A 31 -0.42 14.14 -0.25
N ARG A 32 -1.36 14.51 0.56
CA ARG A 32 -1.66 15.89 0.83
C ARG A 32 -2.10 15.97 2.26
N ASN A 33 -3.28 15.45 2.53
CA ASN A 33 -3.77 15.39 3.89
C ASN A 33 -3.32 14.06 4.49
N PRO A 34 -3.12 14.00 5.81
CA PRO A 34 -2.70 12.76 6.49
C PRO A 34 -3.85 11.74 6.58
N LYS A 35 -4.27 11.25 5.45
CA LYS A 35 -5.36 10.31 5.38
C LYS A 35 -4.91 8.91 5.71
N ALA A 36 -5.62 8.28 6.60
CA ALA A 36 -5.36 6.95 6.99
C ALA A 36 -6.65 6.15 6.95
N CYS A 37 -6.52 4.86 6.91
CA CYS A 37 -7.63 3.95 6.87
C CYS A 37 -7.30 2.83 7.81
N THR A 38 -8.27 2.02 8.15
CA THR A 38 -8.05 0.87 8.99
C THR A 38 -7.02 -0.07 8.32
N LEU A 39 -5.85 -0.13 8.91
CA LEU A 39 -4.74 -0.88 8.36
C LEU A 39 -4.90 -2.36 8.65
N ASN A 40 -4.90 -2.70 9.93
CA ASN A 40 -4.99 -4.09 10.42
C ASN A 40 -3.89 -4.97 9.83
N CYS A 41 -2.75 -4.32 9.59
CA CYS A 41 -1.57 -4.94 8.97
C CYS A 41 -1.95 -5.71 7.70
N ASP A 42 -2.18 -4.95 6.60
CA ASP A 42 -2.66 -5.50 5.31
C ASP A 42 -1.78 -6.64 4.82
N PRO A 43 -2.32 -7.86 4.79
CA PRO A 43 -1.56 -9.06 4.42
C PRO A 43 -1.23 -9.11 2.93
N ARG A 44 -1.83 -8.24 2.16
CA ARG A 44 -1.57 -8.21 0.76
C ARG A 44 -0.43 -7.25 0.43
N ILE A 45 -0.09 -6.42 1.35
CA ILE A 45 0.95 -5.43 1.11
C ILE A 45 2.20 -5.78 1.89
N ALA A 46 3.29 -5.90 1.17
CA ALA A 46 4.57 -6.11 1.78
C ALA A 46 5.28 -4.78 1.86
N TYR A 47 5.27 -4.08 0.74
CA TYR A 47 5.86 -2.77 0.65
C TYR A 47 5.38 -2.07 -0.59
N GLY A 48 5.60 -0.81 -0.66
CA GLY A 48 5.23 -0.05 -1.81
C GLY A 48 6.36 0.02 -2.79
N VAL A 49 6.08 -0.29 -4.01
CA VAL A 49 7.06 -0.20 -5.07
C VAL A 49 6.66 0.96 -5.96
N CYS A 50 7.47 1.94 -6.00
CA CYS A 50 7.21 3.07 -6.84
C CYS A 50 7.66 2.70 -8.25
N PRO A 51 6.91 3.11 -9.27
CA PRO A 51 7.14 2.73 -10.68
C PRO A 51 8.42 3.36 -11.28
N ARG A 52 9.54 3.03 -10.69
CA ARG A 52 10.83 3.42 -11.16
C ARG A 52 11.40 2.22 -11.91
N SER A 53 11.98 1.31 -11.17
CA SER A 53 12.50 0.05 -11.65
C SER A 53 12.68 -0.81 -10.41
N ASP A 1 7.53 -7.48 7.20
CA ASP A 1 7.27 -7.72 8.62
C ASP A 1 6.35 -6.62 9.11
N ARG A 2 5.28 -6.98 9.82
CA ARG A 2 4.30 -6.03 10.37
C ARG A 2 3.60 -5.20 9.28
N ILE A 3 2.96 -5.87 8.35
CA ILE A 3 2.26 -5.18 7.27
C ILE A 3 0.98 -4.50 7.79
N CYS A 4 1.07 -3.22 8.05
CA CYS A 4 -0.04 -2.46 8.53
C CYS A 4 -0.38 -1.33 7.64
N THR A 5 0.02 -1.48 6.44
CA THR A 5 -0.22 -0.50 5.42
C THR A 5 -1.54 -0.83 4.73
N ASN A 6 -2.28 0.18 4.34
CA ASN A 6 -3.49 -0.03 3.58
C ASN A 6 -3.44 0.80 2.32
N CYS A 7 -4.11 0.33 1.31
CA CYS A 7 -4.07 0.91 -0.03
C CYS A 7 -5.10 2.04 -0.17
N CYS A 8 -6.04 2.09 0.74
CA CYS A 8 -7.06 3.12 0.74
C CYS A 8 -6.40 4.48 1.01
N ALA A 9 -5.51 4.46 1.98
CA ALA A 9 -4.69 5.60 2.26
C ALA A 9 -3.39 5.48 1.44
N GLY A 10 -2.32 5.08 2.11
CA GLY A 10 -1.07 4.88 1.45
C GLY A 10 -0.48 6.14 0.87
N THR A 11 0.28 5.97 -0.17
CA THR A 11 0.89 7.05 -0.86
C THR A 11 0.93 6.78 -2.36
N LYS A 12 0.13 7.53 -3.09
CA LYS A 12 0.08 7.48 -4.54
C LYS A 12 1.48 7.60 -5.12
N GLY A 13 1.88 6.56 -5.78
CA GLY A 13 3.17 6.46 -6.34
C GLY A 13 3.68 5.06 -6.16
N CYS A 14 3.37 4.51 -5.01
CA CYS A 14 3.75 3.17 -4.69
C CYS A 14 2.54 2.29 -4.76
N LYS A 15 2.55 1.42 -5.71
CA LYS A 15 1.43 0.58 -5.97
C LYS A 15 1.51 -0.67 -5.14
N TYR A 16 0.60 -0.77 -4.22
CA TYR A 16 0.55 -1.86 -3.29
C TYR A 16 0.28 -3.14 -4.01
N PHE A 17 1.17 -4.05 -3.80
CA PHE A 17 1.29 -5.23 -4.56
C PHE A 17 1.24 -6.46 -3.69
N SER A 18 0.80 -7.49 -4.30
CA SER A 18 0.68 -8.78 -3.72
C SER A 18 1.81 -9.62 -4.32
N ASP A 19 2.59 -10.25 -3.44
CA ASP A 19 3.88 -10.90 -3.80
C ASP A 19 3.80 -12.03 -4.83
N ASP A 20 2.62 -12.54 -5.10
CA ASP A 20 2.47 -13.56 -6.14
C ASP A 20 2.58 -12.93 -7.52
N GLY A 21 2.40 -11.61 -7.59
CA GLY A 21 2.47 -10.92 -8.84
C GLY A 21 1.24 -10.07 -9.08
N THR A 22 0.36 -10.05 -8.12
CA THR A 22 -0.88 -9.33 -8.24
C THR A 22 -0.69 -7.84 -7.90
N PHE A 23 -0.93 -7.00 -8.87
CA PHE A 23 -1.01 -5.60 -8.62
C PHE A 23 -2.36 -5.36 -7.97
N VAL A 24 -2.36 -4.85 -6.77
CA VAL A 24 -3.59 -4.64 -6.08
C VAL A 24 -4.15 -3.29 -6.44
N CYS A 25 -3.45 -2.24 -6.09
CA CYS A 25 -3.92 -0.89 -6.36
C CYS A 25 -2.83 0.13 -6.12
N GLU A 26 -3.12 1.35 -6.48
CA GLU A 26 -2.27 2.48 -6.27
C GLU A 26 -2.76 3.16 -5.00
N GLY A 27 -1.85 3.81 -4.28
CA GLY A 27 -2.21 4.48 -3.05
C GLY A 27 -3.20 5.58 -3.32
N GLU A 28 -4.38 5.48 -2.75
CA GLU A 28 -5.42 6.44 -3.02
C GLU A 28 -5.27 7.73 -2.24
N SER A 29 -4.23 7.86 -1.49
CA SER A 29 -3.95 9.06 -0.81
C SER A 29 -2.60 9.60 -1.22
N ASP A 30 -2.54 10.89 -1.35
CA ASP A 30 -1.33 11.60 -1.66
C ASP A 30 -0.83 12.13 -0.35
N PRO A 31 0.51 12.21 -0.13
CA PRO A 31 1.11 12.69 1.10
C PRO A 31 0.58 14.05 1.60
N ARG A 32 -0.05 14.84 0.75
CA ARG A 32 -0.59 16.11 1.16
C ARG A 32 -1.97 15.97 1.81
N ASN A 33 -2.70 14.93 1.47
CA ASN A 33 -3.99 14.72 2.09
C ASN A 33 -3.82 13.84 3.32
N PRO A 34 -4.52 14.17 4.40
CA PRO A 34 -4.47 13.39 5.62
C PRO A 34 -5.49 12.24 5.59
N LYS A 35 -5.76 11.68 6.78
CA LYS A 35 -6.70 10.57 7.00
C LYS A 35 -6.17 9.25 6.51
N ALA A 36 -6.81 8.21 6.95
CA ALA A 36 -6.50 6.87 6.59
C ALA A 36 -7.76 6.07 6.79
N CYS A 37 -7.99 5.12 5.93
CA CYS A 37 -9.16 4.30 6.05
C CYS A 37 -8.95 3.23 7.09
N THR A 38 -9.83 3.18 8.06
CA THR A 38 -9.76 2.28 9.17
C THR A 38 -9.97 0.82 8.75
N LEU A 39 -8.94 0.23 8.22
CA LEU A 39 -8.97 -1.15 7.81
C LEU A 39 -8.32 -2.03 8.87
N ASN A 40 -7.52 -1.38 9.72
CA ASN A 40 -6.75 -2.04 10.79
C ASN A 40 -5.71 -2.95 10.20
N CYS A 41 -4.88 -2.35 9.33
CA CYS A 41 -3.79 -2.98 8.61
C CYS A 41 -4.33 -3.86 7.48
N ASP A 42 -3.69 -3.82 6.33
CA ASP A 42 -4.08 -4.70 5.24
C ASP A 42 -3.02 -5.77 5.07
N PRO A 43 -3.18 -6.92 5.74
CA PRO A 43 -2.20 -8.00 5.75
C PRO A 43 -2.22 -8.82 4.46
N ARG A 44 -3.09 -8.43 3.55
CA ARG A 44 -3.22 -9.08 2.29
C ARG A 44 -2.19 -8.48 1.32
N ILE A 45 -1.72 -7.29 1.65
CA ILE A 45 -0.70 -6.62 0.87
C ILE A 45 0.67 -7.17 1.29
N ALA A 46 1.53 -7.34 0.33
CA ALA A 46 2.86 -7.85 0.60
C ALA A 46 3.81 -6.68 0.77
N TYR A 47 3.88 -5.87 -0.26
CA TYR A 47 4.74 -4.71 -0.27
C TYR A 47 4.27 -3.75 -1.32
N GLY A 48 4.82 -2.58 -1.33
CA GLY A 48 4.46 -1.61 -2.30
C GLY A 48 5.48 -1.56 -3.41
N VAL A 49 5.04 -1.72 -4.62
CA VAL A 49 5.90 -1.64 -5.75
C VAL A 49 5.85 -0.24 -6.32
N CYS A 50 6.89 0.49 -6.08
CA CYS A 50 7.00 1.83 -6.59
C CYS A 50 7.75 1.74 -7.90
N PRO A 51 7.07 2.03 -9.03
CA PRO A 51 7.66 1.94 -10.37
C PRO A 51 8.89 2.82 -10.51
N ARG A 52 9.92 2.28 -11.10
CA ARG A 52 11.15 2.99 -11.27
C ARG A 52 11.41 3.28 -12.72
N SER A 53 11.80 4.47 -12.98
CA SER A 53 12.16 4.89 -14.29
C SER A 53 13.62 5.32 -14.24
N ASP A 1 4.12 -13.52 8.47
CA ASP A 1 2.90 -13.78 9.23
C ASP A 1 2.30 -12.46 9.61
N ARG A 2 0.96 -12.39 9.67
CA ARG A 2 0.24 -11.18 10.12
C ARG A 2 0.69 -9.96 9.31
N ILE A 3 0.18 -9.85 8.14
CA ILE A 3 0.59 -8.80 7.25
C ILE A 3 -0.17 -7.53 7.56
N CYS A 4 0.41 -6.72 8.40
CA CYS A 4 -0.20 -5.48 8.76
C CYS A 4 0.35 -4.32 7.97
N THR A 5 0.70 -4.61 6.76
CA THR A 5 1.06 -3.64 5.79
C THR A 5 -0.27 -3.12 5.25
N ASN A 6 -0.38 -1.84 4.99
CA ASN A 6 -1.67 -1.31 4.56
C ASN A 6 -1.55 -0.40 3.36
N CYS A 7 -2.59 -0.42 2.56
CA CYS A 7 -2.67 0.31 1.30
C CYS A 7 -3.10 1.76 1.53
N CYS A 8 -3.85 1.98 2.61
CA CYS A 8 -4.42 3.29 2.91
C CYS A 8 -3.32 4.32 3.15
N ALA A 9 -2.51 4.06 4.13
CA ALA A 9 -1.43 4.92 4.52
C ALA A 9 -0.10 4.55 3.81
N GLY A 10 -0.12 4.36 2.49
CA GLY A 10 1.11 4.12 1.77
C GLY A 10 1.71 5.42 1.22
N THR A 11 1.68 5.58 -0.09
CA THR A 11 2.20 6.75 -0.78
C THR A 11 1.61 6.81 -2.20
N LYS A 12 1.01 7.93 -2.59
CA LYS A 12 0.55 8.07 -3.96
C LYS A 12 1.74 8.04 -4.92
N GLY A 13 1.64 7.20 -5.91
CA GLY A 13 2.73 7.00 -6.83
C GLY A 13 3.28 5.62 -6.65
N CYS A 14 3.10 5.09 -5.46
CA CYS A 14 3.54 3.77 -5.13
C CYS A 14 2.44 2.79 -5.43
N LYS A 15 2.79 1.79 -6.17
CA LYS A 15 1.88 0.75 -6.51
C LYS A 15 1.94 -0.25 -5.40
N TYR A 16 0.86 -0.39 -4.70
CA TYR A 16 0.77 -1.32 -3.63
C TYR A 16 0.70 -2.69 -4.26
N PHE A 17 1.73 -3.42 -4.06
CA PHE A 17 1.99 -4.61 -4.80
C PHE A 17 2.43 -5.74 -3.89
N SER A 18 2.06 -6.92 -4.28
CA SER A 18 2.41 -8.10 -3.59
C SER A 18 3.64 -8.73 -4.23
N ASP A 19 4.45 -9.38 -3.41
CA ASP A 19 5.78 -9.93 -3.80
C ASP A 19 5.69 -11.01 -4.87
N ASP A 20 4.50 -11.56 -5.06
CA ASP A 20 4.28 -12.57 -6.07
C ASP A 20 4.19 -11.92 -7.45
N GLY A 21 4.08 -10.60 -7.45
CA GLY A 21 4.03 -9.84 -8.66
C GLY A 21 2.64 -9.41 -9.02
N THR A 22 1.87 -9.00 -8.04
CA THR A 22 0.51 -8.62 -8.30
C THR A 22 0.20 -7.22 -7.75
N PHE A 23 -0.41 -6.42 -8.59
CA PHE A 23 -0.89 -5.10 -8.24
C PHE A 23 -2.14 -5.24 -7.35
N VAL A 24 -2.14 -4.55 -6.23
CA VAL A 24 -3.27 -4.58 -5.33
C VAL A 24 -4.06 -3.26 -5.44
N CYS A 25 -3.35 -2.15 -5.37
CA CYS A 25 -3.96 -0.80 -5.43
C CYS A 25 -2.86 0.21 -5.70
N GLU A 26 -3.18 1.47 -5.91
CA GLU A 26 -2.15 2.48 -6.15
C GLU A 26 -2.62 3.85 -5.73
N GLY A 27 -1.69 4.60 -5.15
CA GLY A 27 -1.86 6.00 -4.84
C GLY A 27 -3.04 6.34 -3.96
N GLU A 28 -3.11 5.75 -2.81
CA GLU A 28 -4.16 6.09 -1.88
C GLU A 28 -3.80 7.34 -1.12
N SER A 29 -2.57 7.40 -0.66
CA SER A 29 -2.10 8.46 0.16
C SER A 29 -1.58 9.61 -0.67
N ASP A 30 -2.49 10.38 -1.16
CA ASP A 30 -2.19 11.59 -1.86
C ASP A 30 -2.16 12.68 -0.81
N PRO A 31 -1.09 13.51 -0.77
CA PRO A 31 -0.93 14.61 0.23
C PRO A 31 -2.00 15.73 0.10
N ARG A 32 -3.23 15.33 0.07
CA ARG A 32 -4.39 16.18 -0.04
C ARG A 32 -5.53 15.52 0.75
N ASN A 33 -5.70 14.21 0.55
CA ASN A 33 -6.80 13.47 1.14
C ASN A 33 -6.55 12.99 2.58
N PRO A 34 -7.44 13.36 3.49
CA PRO A 34 -7.40 12.88 4.85
C PRO A 34 -8.18 11.54 4.97
N LYS A 35 -7.46 10.46 5.11
CA LYS A 35 -8.06 9.14 5.19
C LYS A 35 -7.78 8.56 6.55
N ALA A 36 -8.77 8.57 7.40
CA ALA A 36 -8.62 8.04 8.73
C ALA A 36 -8.73 6.52 8.70
N CYS A 37 -7.61 5.89 8.71
CA CYS A 37 -7.54 4.46 8.73
C CYS A 37 -6.93 4.00 10.03
N THR A 38 -7.64 3.16 10.75
CA THR A 38 -7.23 2.70 12.05
C THR A 38 -6.02 1.78 11.98
N LEU A 39 -6.03 0.88 11.02
CA LEU A 39 -4.95 -0.07 10.85
C LEU A 39 -4.99 -0.57 9.43
N ASN A 40 -6.06 -1.28 9.12
CA ASN A 40 -6.33 -1.80 7.76
C ASN A 40 -5.25 -2.77 7.29
N CYS A 41 -4.93 -3.75 8.14
CA CYS A 41 -3.93 -4.76 7.80
C CYS A 41 -4.35 -5.49 6.53
N ASP A 42 -3.54 -5.44 5.52
CA ASP A 42 -3.87 -6.05 4.26
C ASP A 42 -2.91 -7.17 3.96
N PRO A 43 -3.32 -8.41 4.20
CA PRO A 43 -2.44 -9.58 4.06
C PRO A 43 -2.04 -9.89 2.61
N ARG A 44 -2.62 -9.19 1.68
CA ARG A 44 -2.36 -9.41 0.29
C ARG A 44 -1.21 -8.55 -0.23
N ILE A 45 -0.98 -7.43 0.43
CA ILE A 45 0.07 -6.50 -0.02
C ILE A 45 1.43 -6.87 0.62
N ALA A 46 2.49 -6.63 -0.12
CA ALA A 46 3.81 -6.83 0.40
C ALA A 46 4.37 -5.50 0.84
N TYR A 47 4.29 -4.53 -0.05
CA TYR A 47 4.77 -3.18 0.19
C TYR A 47 4.34 -2.29 -0.97
N GLY A 48 4.61 -1.02 -0.85
CA GLY A 48 4.31 -0.11 -1.91
C GLY A 48 5.52 0.07 -2.79
N VAL A 49 5.39 -0.24 -4.05
CA VAL A 49 6.47 -0.10 -4.99
C VAL A 49 6.27 1.12 -5.86
N CYS A 50 7.01 2.15 -5.58
CA CYS A 50 7.05 3.30 -6.44
C CYS A 50 8.00 2.93 -7.58
N PRO A 51 7.46 2.79 -8.80
CA PRO A 51 8.20 2.27 -9.98
C PRO A 51 9.56 2.91 -10.19
N ARG A 52 10.59 2.12 -9.99
CA ARG A 52 11.95 2.57 -10.19
C ARG A 52 12.25 2.49 -11.68
N SER A 53 12.17 1.29 -12.19
CA SER A 53 12.33 1.02 -13.59
C SER A 53 11.57 -0.25 -13.88
N ASP A 1 0.45 -8.70 14.16
CA ASP A 1 1.90 -8.55 14.37
C ASP A 1 2.38 -7.31 13.65
N ARG A 2 3.67 -7.25 13.32
CA ARG A 2 4.26 -6.12 12.64
C ARG A 2 3.72 -5.92 11.21
N ILE A 3 3.49 -6.99 10.46
CA ILE A 3 3.05 -6.82 9.07
C ILE A 3 1.57 -6.41 8.97
N CYS A 4 1.33 -5.11 8.89
CA CYS A 4 0.03 -4.60 8.78
C CYS A 4 -0.08 -3.64 7.61
N THR A 5 0.56 -4.04 6.54
CA THR A 5 0.54 -3.32 5.31
C THR A 5 -0.89 -3.29 4.78
N ASN A 6 -1.35 -2.15 4.34
CA ASN A 6 -2.71 -2.03 3.83
C ASN A 6 -2.75 -1.03 2.69
N CYS A 7 -3.65 -1.27 1.77
CA CYS A 7 -3.79 -0.47 0.57
C CYS A 7 -4.48 0.88 0.86
N CYS A 8 -5.28 0.95 1.94
CA CYS A 8 -6.01 2.17 2.30
C CYS A 8 -5.02 3.27 2.55
N ALA A 9 -4.11 3.02 3.45
CA ALA A 9 -3.09 3.97 3.80
C ALA A 9 -1.86 3.77 2.94
N GLY A 10 -2.05 3.17 1.78
CA GLY A 10 -0.95 2.91 0.91
C GLY A 10 -0.44 4.15 0.27
N THR A 11 0.82 4.22 0.14
CA THR A 11 1.48 5.39 -0.42
C THR A 11 1.31 5.44 -1.93
N LYS A 12 0.64 6.50 -2.42
CA LYS A 12 0.49 6.77 -3.84
C LYS A 12 1.86 6.77 -4.51
N GLY A 13 2.04 5.90 -5.46
CA GLY A 13 3.31 5.79 -6.13
C GLY A 13 3.90 4.43 -5.87
N CYS A 14 3.59 3.91 -4.71
CA CYS A 14 4.05 2.61 -4.32
C CYS A 14 3.01 1.59 -4.75
N LYS A 15 3.46 0.60 -5.46
CA LYS A 15 2.60 -0.43 -5.95
C LYS A 15 2.57 -1.52 -4.91
N TYR A 16 1.45 -1.66 -4.26
CA TYR A 16 1.31 -2.64 -3.23
C TYR A 16 1.26 -3.99 -3.85
N PHE A 17 2.25 -4.73 -3.54
CA PHE A 17 2.59 -5.95 -4.17
C PHE A 17 2.90 -7.03 -3.18
N SER A 18 2.54 -8.21 -3.54
CA SER A 18 2.74 -9.34 -2.74
C SER A 18 3.99 -10.08 -3.21
N ASP A 19 4.68 -10.72 -2.28
CA ASP A 19 5.99 -11.37 -2.51
C ASP A 19 5.91 -12.53 -3.50
N ASP A 20 4.71 -12.99 -3.80
CA ASP A 20 4.51 -14.06 -4.77
C ASP A 20 4.57 -13.50 -6.20
N GLY A 21 4.75 -12.20 -6.30
CA GLY A 21 4.89 -11.57 -7.57
C GLY A 21 3.59 -11.06 -8.10
N THR A 22 2.73 -10.58 -7.22
CA THR A 22 1.44 -10.11 -7.64
C THR A 22 1.23 -8.64 -7.26
N PHE A 23 0.97 -7.82 -8.26
CA PHE A 23 0.60 -6.45 -8.04
C PHE A 23 -0.84 -6.43 -7.52
N VAL A 24 -1.05 -5.83 -6.39
CA VAL A 24 -2.35 -5.77 -5.80
C VAL A 24 -3.03 -4.45 -6.16
N CYS A 25 -2.46 -3.32 -5.76
CA CYS A 25 -3.09 -2.03 -6.00
C CYS A 25 -2.10 -0.87 -5.87
N GLU A 26 -2.47 0.26 -6.44
CA GLU A 26 -1.72 1.49 -6.32
C GLU A 26 -2.08 2.12 -4.98
N GLY A 27 -1.13 2.85 -4.40
CA GLY A 27 -1.36 3.51 -3.12
C GLY A 27 -2.52 4.49 -3.16
N GLU A 28 -3.43 4.32 -2.22
CA GLU A 28 -4.63 5.14 -2.14
C GLU A 28 -4.41 6.46 -1.42
N SER A 29 -3.39 6.54 -0.63
CA SER A 29 -3.12 7.69 0.16
C SER A 29 -2.04 8.55 -0.47
N ASP A 30 -2.32 9.81 -0.56
CA ASP A 30 -1.39 10.77 -1.09
C ASP A 30 -0.38 11.11 -0.01
N PRO A 31 0.91 11.26 -0.36
CA PRO A 31 1.98 11.62 0.59
C PRO A 31 1.72 12.93 1.37
N ARG A 32 0.73 13.72 0.94
CA ARG A 32 0.40 14.97 1.60
C ARG A 32 -1.05 14.98 2.08
N ASN A 33 -1.73 13.85 1.99
CA ASN A 33 -3.14 13.82 2.35
C ASN A 33 -3.32 13.47 3.82
N PRO A 34 -4.24 14.15 4.51
CA PRO A 34 -4.62 13.76 5.86
C PRO A 34 -5.54 12.55 5.78
N LYS A 35 -5.15 11.48 6.40
CA LYS A 35 -5.88 10.22 6.27
C LYS A 35 -6.20 9.64 7.62
N ALA A 36 -7.14 8.72 7.64
CA ALA A 36 -7.59 8.09 8.84
C ALA A 36 -7.86 6.61 8.58
N CYS A 37 -6.96 5.96 7.88
CA CYS A 37 -7.13 4.55 7.59
C CYS A 37 -6.74 3.73 8.80
N THR A 38 -7.37 2.60 8.96
CA THR A 38 -7.12 1.74 10.06
C THR A 38 -5.84 0.90 9.84
N LEU A 39 -5.56 0.01 10.74
CA LEU A 39 -4.37 -0.77 10.74
C LEU A 39 -4.68 -2.21 10.39
N ASN A 40 -5.58 -2.37 9.45
CA ASN A 40 -5.97 -3.69 8.96
C ASN A 40 -4.81 -4.33 8.25
N CYS A 41 -4.23 -5.29 8.90
CA CYS A 41 -3.09 -5.99 8.40
C CYS A 41 -3.49 -6.91 7.26
N ASP A 42 -3.03 -6.60 6.06
CA ASP A 42 -3.33 -7.40 4.87
C ASP A 42 -2.21 -8.42 4.67
N PRO A 43 -2.44 -9.71 5.05
CA PRO A 43 -1.40 -10.75 5.02
C PRO A 43 -1.10 -11.24 3.60
N ARG A 44 -1.84 -10.72 2.67
CA ARG A 44 -1.67 -11.05 1.28
C ARG A 44 -0.62 -10.13 0.67
N ILE A 45 -0.60 -8.89 1.13
CA ILE A 45 0.32 -7.89 0.62
C ILE A 45 1.63 -7.97 1.38
N ALA A 46 2.72 -7.77 0.67
CA ALA A 46 4.02 -7.77 1.28
C ALA A 46 4.37 -6.35 1.66
N TYR A 47 4.54 -5.53 0.66
CA TYR A 47 4.89 -4.13 0.83
C TYR A 47 4.54 -3.38 -0.43
N GLY A 48 4.59 -2.09 -0.36
CA GLY A 48 4.31 -1.29 -1.51
C GLY A 48 5.58 -0.90 -2.20
N VAL A 49 5.89 -1.55 -3.29
CA VAL A 49 7.10 -1.28 -4.03
C VAL A 49 6.92 -0.03 -4.88
N CYS A 50 7.64 1.01 -4.56
CA CYS A 50 7.65 2.24 -5.34
C CYS A 50 8.67 2.12 -6.48
N PRO A 51 8.21 1.89 -7.71
CA PRO A 51 9.08 1.75 -8.86
C PRO A 51 9.24 3.09 -9.60
N ARG A 52 10.43 3.34 -10.06
CA ARG A 52 10.70 4.55 -10.80
C ARG A 52 10.74 4.20 -12.26
N SER A 53 11.40 3.11 -12.55
CA SER A 53 11.53 2.56 -13.87
C SER A 53 11.91 1.10 -13.68
N ASP A 1 0.31 -10.24 11.16
CA ASP A 1 1.72 -10.17 11.49
C ASP A 1 2.16 -8.72 11.56
N ARG A 2 3.45 -8.45 11.43
CA ARG A 2 3.99 -7.10 11.53
C ARG A 2 3.62 -6.21 10.33
N ILE A 3 3.24 -6.81 9.20
CA ILE A 3 2.83 -6.00 8.06
C ILE A 3 1.47 -5.32 8.34
N CYS A 4 1.53 -4.11 8.84
CA CYS A 4 0.35 -3.34 9.13
C CYS A 4 0.15 -2.27 8.11
N THR A 5 0.60 -2.55 6.95
CA THR A 5 0.47 -1.69 5.87
C THR A 5 -0.84 -2.00 5.15
N ASN A 6 -1.55 -0.97 4.82
CA ASN A 6 -2.79 -1.09 4.10
C ASN A 6 -2.68 -0.21 2.89
N CYS A 7 -3.42 -0.52 1.88
CA CYS A 7 -3.35 0.23 0.65
C CYS A 7 -4.31 1.40 0.67
N CYS A 8 -5.22 1.42 1.66
CA CYS A 8 -6.22 2.47 1.77
C CYS A 8 -5.54 3.81 1.96
N ALA A 9 -4.62 3.86 2.88
CA ALA A 9 -3.82 5.05 3.07
C ALA A 9 -2.60 4.94 2.17
N GLY A 10 -1.54 4.32 2.69
CA GLY A 10 -0.33 4.10 1.95
C GLY A 10 0.28 5.36 1.38
N THR A 11 0.86 5.23 0.21
CA THR A 11 1.43 6.33 -0.47
C THR A 11 1.28 6.15 -1.98
N LYS A 12 0.51 7.05 -2.58
CA LYS A 12 0.35 7.16 -4.02
C LYS A 12 1.70 7.12 -4.70
N GLY A 13 1.96 6.07 -5.40
CA GLY A 13 3.19 5.95 -6.10
C GLY A 13 3.85 4.62 -5.88
N CYS A 14 3.73 4.06 -4.71
CA CYS A 14 4.36 2.78 -4.43
C CYS A 14 3.37 1.65 -4.60
N LYS A 15 3.79 0.64 -5.33
CA LYS A 15 2.93 -0.46 -5.70
C LYS A 15 2.78 -1.43 -4.54
N TYR A 16 1.68 -1.35 -3.86
CA TYR A 16 1.36 -2.29 -2.81
C TYR A 16 1.05 -3.59 -3.48
N PHE A 17 1.91 -4.52 -3.25
CA PHE A 17 1.94 -5.72 -3.98
C PHE A 17 2.21 -6.92 -3.09
N SER A 18 1.64 -8.02 -3.50
CA SER A 18 1.73 -9.28 -2.83
C SER A 18 2.91 -10.03 -3.45
N ASP A 19 3.70 -10.66 -2.61
CA ASP A 19 4.98 -11.30 -3.01
C ASP A 19 4.79 -12.49 -3.92
N ASP A 20 3.58 -12.99 -4.00
CA ASP A 20 3.26 -14.12 -4.87
C ASP A 20 3.17 -13.66 -6.32
N GLY A 21 3.07 -12.35 -6.52
CA GLY A 21 3.00 -11.81 -7.85
C GLY A 21 1.68 -11.12 -8.10
N THR A 22 1.03 -10.67 -7.06
CA THR A 22 -0.25 -10.00 -7.21
C THR A 22 -0.15 -8.50 -6.85
N PHE A 23 -0.16 -7.66 -7.84
CA PHE A 23 -0.23 -6.24 -7.65
C PHE A 23 -1.62 -5.89 -7.13
N VAL A 24 -1.67 -5.13 -6.07
CA VAL A 24 -2.93 -4.75 -5.47
C VAL A 24 -3.30 -3.34 -5.92
N CYS A 25 -2.57 -2.36 -5.44
CA CYS A 25 -2.81 -0.97 -5.79
C CYS A 25 -1.57 -0.15 -5.51
N GLU A 26 -1.40 0.91 -6.24
CA GLU A 26 -0.22 1.74 -6.16
C GLU A 26 -0.44 2.92 -5.20
N GLY A 27 -1.05 2.61 -4.07
CA GLY A 27 -1.34 3.62 -3.08
C GLY A 27 -2.60 4.37 -3.43
N GLU A 28 -3.51 4.45 -2.48
CA GLU A 28 -4.76 5.13 -2.72
C GLU A 28 -4.68 6.60 -2.35
N SER A 29 -3.80 6.95 -1.45
CA SER A 29 -3.68 8.32 -1.03
C SER A 29 -2.25 8.72 -0.86
N ASP A 30 -2.01 9.99 -0.94
CA ASP A 30 -0.71 10.54 -0.70
C ASP A 30 -0.61 10.86 0.79
N PRO A 31 0.47 10.45 1.45
CA PRO A 31 0.60 10.58 2.92
C PRO A 31 0.65 12.03 3.45
N ARG A 32 0.78 13.00 2.57
CA ARG A 32 0.86 14.40 2.99
C ARG A 32 -0.49 14.95 3.40
N ASN A 33 -1.56 14.36 2.91
CA ASN A 33 -2.87 14.73 3.39
C ASN A 33 -3.23 13.82 4.54
N PRO A 34 -3.96 14.33 5.53
CA PRO A 34 -4.32 13.54 6.70
C PRO A 34 -5.42 12.50 6.39
N LYS A 35 -5.00 11.37 5.90
CA LYS A 35 -5.89 10.30 5.56
C LYS A 35 -5.96 9.33 6.73
N ALA A 36 -7.15 9.04 7.16
CA ALA A 36 -7.37 8.08 8.22
C ALA A 36 -8.26 6.96 7.73
N CYS A 37 -7.65 5.87 7.41
CA CYS A 37 -8.34 4.70 6.95
C CYS A 37 -8.31 3.66 8.04
N THR A 38 -8.77 2.47 7.74
CA THR A 38 -8.65 1.38 8.61
C THR A 38 -7.17 1.02 8.71
N LEU A 39 -6.72 0.61 9.86
CA LEU A 39 -5.33 0.33 10.07
C LEU A 39 -5.12 -1.14 9.86
N ASN A 40 -5.69 -1.56 8.78
CA ASN A 40 -5.63 -2.91 8.29
C ASN A 40 -4.20 -3.35 8.17
N CYS A 41 -3.83 -4.29 8.98
CA CYS A 41 -2.57 -4.93 8.81
C CYS A 41 -2.77 -5.98 7.74
N ASP A 42 -2.79 -5.50 6.49
CA ASP A 42 -3.20 -6.29 5.33
C ASP A 42 -2.19 -7.37 4.98
N PRO A 43 -2.57 -8.65 5.17
CA PRO A 43 -1.70 -9.78 4.87
C PRO A 43 -1.53 -9.96 3.37
N ARG A 44 -2.45 -9.35 2.63
CA ARG A 44 -2.46 -9.40 1.17
C ARG A 44 -1.30 -8.56 0.63
N ILE A 45 -0.86 -7.62 1.41
CA ILE A 45 0.24 -6.80 1.04
C ILE A 45 1.50 -7.37 1.63
N ALA A 46 2.46 -7.60 0.78
CA ALA A 46 3.73 -8.08 1.21
C ALA A 46 4.57 -6.90 1.55
N TYR A 47 4.62 -5.96 0.62
CA TYR A 47 5.35 -4.72 0.77
C TYR A 47 5.00 -3.80 -0.36
N GLY A 48 5.35 -2.55 -0.22
CA GLY A 48 5.11 -1.61 -1.25
C GLY A 48 6.32 -1.47 -2.13
N VAL A 49 6.21 -1.94 -3.34
CA VAL A 49 7.29 -1.87 -4.29
C VAL A 49 7.24 -0.51 -4.95
N CYS A 50 8.11 0.35 -4.57
CA CYS A 50 8.16 1.66 -5.16
C CYS A 50 8.87 1.54 -6.49
N PRO A 51 8.16 1.82 -7.59
CA PRO A 51 8.65 1.59 -8.94
C PRO A 51 9.88 2.38 -9.33
N ARG A 52 10.87 1.66 -9.76
CA ARG A 52 12.06 2.21 -10.35
C ARG A 52 12.47 1.23 -11.45
N SER A 53 11.46 0.67 -12.08
CA SER A 53 11.66 -0.30 -13.12
C SER A 53 11.48 0.38 -14.47
N ASP A 1 -0.27 -8.94 11.60
CA ASP A 1 0.28 -10.13 10.97
C ASP A 1 1.21 -9.75 9.84
N ARG A 2 2.49 -10.10 10.01
CA ARG A 2 3.55 -9.90 9.03
C ARG A 2 3.70 -8.45 8.55
N ILE A 3 3.46 -8.22 7.28
CA ILE A 3 3.63 -6.93 6.69
C ILE A 3 2.40 -6.06 6.94
N CYS A 4 2.60 -4.92 7.53
CA CYS A 4 1.54 -4.05 7.86
C CYS A 4 1.39 -2.93 6.85
N THR A 5 1.22 -3.33 5.62
CA THR A 5 0.93 -2.43 4.55
C THR A 5 -0.57 -2.29 4.41
N ASN A 6 -1.05 -1.15 4.02
CA ASN A 6 -2.46 -0.98 3.76
C ASN A 6 -2.62 -0.25 2.46
N CYS A 7 -3.66 -0.56 1.74
CA CYS A 7 -3.89 0.07 0.46
C CYS A 7 -4.97 1.14 0.60
N CYS A 8 -5.54 1.25 1.80
CA CYS A 8 -6.53 2.27 2.11
C CYS A 8 -5.91 3.63 1.91
N ALA A 9 -4.81 3.84 2.57
CA ALA A 9 -4.04 5.02 2.43
C ALA A 9 -3.02 4.80 1.33
N GLY A 10 -1.90 4.19 1.71
CA GLY A 10 -0.83 3.92 0.80
C GLY A 10 -0.14 5.18 0.31
N THR A 11 0.92 5.02 -0.41
CA THR A 11 1.61 6.14 -0.96
C THR A 11 1.34 6.25 -2.44
N LYS A 12 0.61 7.30 -2.84
CA LYS A 12 0.32 7.61 -4.24
C LYS A 12 1.60 7.52 -5.08
N GLY A 13 1.54 6.77 -6.13
CA GLY A 13 2.67 6.56 -6.99
C GLY A 13 3.14 5.13 -6.94
N CYS A 14 2.99 4.53 -5.79
CA CYS A 14 3.39 3.16 -5.60
C CYS A 14 2.22 2.24 -5.84
N LYS A 15 2.41 1.26 -6.69
CA LYS A 15 1.40 0.28 -6.94
C LYS A 15 1.55 -0.85 -5.95
N TYR A 16 0.60 -0.98 -5.07
CA TYR A 16 0.64 -2.00 -4.06
C TYR A 16 0.31 -3.32 -4.68
N PHE A 17 1.29 -4.16 -4.67
CA PHE A 17 1.32 -5.35 -5.41
C PHE A 17 1.94 -6.49 -4.62
N SER A 18 1.43 -7.66 -4.90
CA SER A 18 1.81 -8.89 -4.27
C SER A 18 2.96 -9.50 -5.05
N ASP A 19 3.90 -10.09 -4.34
CA ASP A 19 5.14 -10.63 -4.93
C ASP A 19 4.89 -11.90 -5.72
N ASP A 20 3.69 -12.42 -5.62
CA ASP A 20 3.30 -13.59 -6.40
C ASP A 20 2.87 -13.16 -7.81
N GLY A 21 2.86 -11.86 -8.02
CA GLY A 21 2.50 -11.31 -9.30
C GLY A 21 1.06 -10.88 -9.36
N THR A 22 0.58 -10.23 -8.33
CA THR A 22 -0.80 -9.81 -8.28
C THR A 22 -0.91 -8.34 -7.88
N PHE A 23 -1.54 -7.56 -8.71
CA PHE A 23 -1.76 -6.15 -8.42
C PHE A 23 -2.96 -6.03 -7.51
N VAL A 24 -2.79 -5.31 -6.43
CA VAL A 24 -3.87 -5.12 -5.48
C VAL A 24 -4.57 -3.80 -5.82
N CYS A 25 -3.87 -2.71 -5.61
CA CYS A 25 -4.36 -1.37 -5.89
C CYS A 25 -3.22 -0.39 -5.74
N GLU A 26 -3.44 0.84 -6.07
CA GLU A 26 -2.41 1.84 -5.99
C GLU A 26 -2.60 2.68 -4.75
N GLY A 27 -1.52 3.32 -4.31
CA GLY A 27 -1.61 4.21 -3.17
C GLY A 27 -2.54 5.36 -3.46
N GLU A 28 -3.42 5.64 -2.55
CA GLU A 28 -4.43 6.66 -2.73
C GLU A 28 -4.03 7.94 -2.01
N SER A 29 -3.25 7.81 -0.95
CA SER A 29 -2.88 8.92 -0.16
C SER A 29 -1.75 9.72 -0.76
N ASP A 30 -2.01 10.98 -0.86
CA ASP A 30 -1.14 11.96 -1.43
C ASP A 30 -1.41 13.24 -0.66
N PRO A 31 -0.35 14.02 -0.31
CA PRO A 31 -0.36 15.24 0.50
C PRO A 31 -1.71 15.94 0.81
N ARG A 32 -2.52 16.23 -0.20
CA ARG A 32 -3.80 16.89 0.01
C ARG A 32 -4.74 16.01 0.85
N ASN A 33 -4.80 14.74 0.51
CA ASN A 33 -5.59 13.80 1.27
C ASN A 33 -4.74 13.11 2.36
N PRO A 34 -4.96 13.45 3.62
CA PRO A 34 -4.31 12.82 4.73
C PRO A 34 -5.17 11.68 5.30
N LYS A 35 -5.32 10.64 4.51
CA LYS A 35 -6.13 9.52 4.90
C LYS A 35 -5.42 8.67 5.92
N ALA A 36 -5.66 8.95 7.16
CA ALA A 36 -5.08 8.21 8.23
C ALA A 36 -5.91 6.96 8.46
N CYS A 37 -5.64 5.97 7.66
CA CYS A 37 -6.33 4.70 7.77
C CYS A 37 -5.73 3.88 8.91
N THR A 38 -6.50 2.93 9.40
CA THR A 38 -6.13 2.12 10.53
C THR A 38 -4.89 1.24 10.23
N LEU A 39 -4.42 0.54 11.25
CA LEU A 39 -3.17 -0.21 11.22
C LEU A 39 -3.40 -1.60 10.67
N ASN A 40 -4.26 -1.64 9.69
CA ASN A 40 -4.59 -2.85 8.95
C ASN A 40 -3.35 -3.37 8.25
N CYS A 41 -2.95 -4.55 8.60
CA CYS A 41 -1.81 -5.17 7.98
C CYS A 41 -2.28 -6.08 6.87
N ASP A 42 -2.11 -5.62 5.65
CA ASP A 42 -2.52 -6.39 4.48
C ASP A 42 -1.34 -7.16 3.90
N PRO A 43 -1.30 -8.49 4.14
CA PRO A 43 -0.22 -9.35 3.67
C PRO A 43 -0.34 -9.66 2.18
N ARG A 44 -1.42 -9.19 1.57
CA ARG A 44 -1.64 -9.36 0.15
C ARG A 44 -0.77 -8.38 -0.61
N ILE A 45 -0.21 -7.46 0.13
CA ILE A 45 0.70 -6.52 -0.42
C ILE A 45 2.10 -6.95 -0.05
N ALA A 46 2.94 -6.99 -1.02
CA ALA A 46 4.31 -7.33 -0.79
C ALA A 46 5.10 -6.07 -0.60
N TYR A 47 4.76 -5.08 -1.43
CA TYR A 47 5.33 -3.76 -1.38
C TYR A 47 4.66 -2.90 -2.41
N GLY A 48 4.98 -1.65 -2.40
CA GLY A 48 4.46 -0.76 -3.38
C GLY A 48 5.47 -0.53 -4.45
N VAL A 49 5.16 -0.98 -5.65
CA VAL A 49 6.07 -0.84 -6.76
C VAL A 49 5.98 0.58 -7.32
N CYS A 50 6.94 1.38 -6.95
CA CYS A 50 7.10 2.71 -7.49
C CYS A 50 8.15 2.63 -8.58
N PRO A 51 8.08 3.50 -9.61
CA PRO A 51 9.04 3.50 -10.71
C PRO A 51 10.41 4.05 -10.28
N ARG A 52 11.07 3.30 -9.42
CA ARG A 52 12.36 3.66 -8.92
C ARG A 52 13.44 3.33 -9.93
N SER A 53 14.28 4.26 -10.17
CA SER A 53 15.32 4.09 -11.12
C SER A 53 16.58 3.63 -10.40
N ASP A 1 6.54 -8.30 9.12
CA ASP A 1 6.64 -7.33 10.22
C ASP A 1 5.31 -6.65 10.40
N ARG A 2 4.29 -7.44 10.68
CA ARG A 2 2.91 -6.97 10.83
C ARG A 2 2.36 -6.47 9.52
N ILE A 3 2.10 -7.38 8.61
CA ILE A 3 1.51 -7.04 7.34
C ILE A 3 0.06 -6.60 7.55
N CYS A 4 -0.11 -5.31 7.69
CA CYS A 4 -1.38 -4.73 7.85
C CYS A 4 -1.56 -3.61 6.86
N THR A 5 -1.01 -3.85 5.71
CA THR A 5 -1.11 -2.94 4.62
C THR A 5 -2.45 -3.17 3.92
N ASN A 6 -2.96 -2.14 3.31
CA ASN A 6 -4.18 -2.22 2.56
C ASN A 6 -4.11 -1.19 1.46
N CYS A 7 -5.08 -1.14 0.59
CA CYS A 7 -5.02 -0.24 -0.55
C CYS A 7 -5.16 1.24 -0.13
N CYS A 8 -5.89 1.50 0.94
CA CYS A 8 -6.02 2.87 1.42
C CYS A 8 -4.74 3.29 2.13
N ALA A 9 -4.19 2.40 2.92
CA ALA A 9 -3.00 2.65 3.74
C ALA A 9 -1.68 2.71 2.92
N GLY A 10 -1.67 3.42 1.80
CA GLY A 10 -0.48 3.54 1.03
C GLY A 10 -0.30 4.93 0.49
N THR A 11 0.18 5.03 -0.72
CA THR A 11 0.44 6.30 -1.34
C THR A 11 0.31 6.20 -2.86
N LYS A 12 -0.41 7.17 -3.44
CA LYS A 12 -0.58 7.31 -4.89
C LYS A 12 0.78 7.26 -5.60
N GLY A 13 0.94 6.34 -6.50
CA GLY A 13 2.19 6.20 -7.19
C GLY A 13 2.81 4.87 -6.95
N CYS A 14 2.61 4.34 -5.77
CA CYS A 14 3.12 3.04 -5.43
C CYS A 14 2.07 2.00 -5.73
N LYS A 15 2.47 0.96 -6.40
CA LYS A 15 1.57 -0.08 -6.80
C LYS A 15 1.46 -1.09 -5.68
N TYR A 16 0.27 -1.25 -5.13
CA TYR A 16 0.06 -2.22 -4.08
C TYR A 16 0.16 -3.56 -4.68
N PHE A 17 1.08 -4.31 -4.19
CA PHE A 17 1.47 -5.50 -4.78
C PHE A 17 1.60 -6.61 -3.76
N SER A 18 1.32 -7.77 -4.21
CA SER A 18 1.44 -8.97 -3.45
C SER A 18 2.82 -9.51 -3.77
N ASP A 19 3.58 -9.87 -2.74
CA ASP A 19 5.00 -10.22 -2.91
C ASP A 19 5.21 -11.51 -3.68
N ASP A 20 4.15 -12.24 -3.92
CA ASP A 20 4.24 -13.44 -4.72
C ASP A 20 4.16 -13.12 -6.23
N GLY A 21 4.01 -11.84 -6.53
CA GLY A 21 4.02 -11.38 -7.90
C GLY A 21 2.64 -11.09 -8.44
N THR A 22 1.94 -10.18 -7.80
CA THR A 22 0.62 -9.82 -8.24
C THR A 22 0.35 -8.34 -7.97
N PHE A 23 -0.16 -7.65 -8.94
CA PHE A 23 -0.57 -6.28 -8.81
C PHE A 23 -1.97 -6.27 -8.23
N VAL A 24 -2.13 -5.65 -7.10
CA VAL A 24 -3.41 -5.63 -6.43
C VAL A 24 -4.20 -4.39 -6.81
N CYS A 25 -3.57 -3.24 -6.68
CA CYS A 25 -4.21 -1.97 -7.01
C CYS A 25 -3.17 -0.85 -7.01
N GLU A 26 -3.54 0.29 -7.57
CA GLU A 26 -2.67 1.45 -7.58
C GLU A 26 -3.04 2.32 -6.38
N GLY A 27 -2.25 3.34 -6.11
CA GLY A 27 -2.43 4.19 -4.95
C GLY A 27 -3.83 4.75 -4.80
N GLU A 28 -4.40 4.58 -3.63
CA GLU A 28 -5.72 5.10 -3.31
C GLU A 28 -5.61 6.38 -2.50
N SER A 29 -4.45 6.59 -1.92
CA SER A 29 -4.26 7.71 -1.07
C SER A 29 -3.18 8.66 -1.52
N ASP A 30 -3.59 9.80 -2.00
CA ASP A 30 -2.69 10.92 -2.20
C ASP A 30 -2.59 11.60 -0.83
N PRO A 31 -1.43 11.48 -0.16
CA PRO A 31 -1.26 11.92 1.26
C PRO A 31 -1.19 13.43 1.47
N ARG A 32 -1.70 14.18 0.54
CA ARG A 32 -1.74 15.61 0.65
C ARG A 32 -2.95 16.02 1.47
N ASN A 33 -4.12 15.52 1.10
CA ASN A 33 -5.31 15.75 1.90
C ASN A 33 -5.45 14.62 2.93
N PRO A 34 -5.58 14.98 4.22
CA PRO A 34 -5.66 14.02 5.32
C PRO A 34 -6.86 13.08 5.24
N LYS A 35 -6.62 11.84 5.58
CA LYS A 35 -7.64 10.81 5.61
C LYS A 35 -7.19 9.72 6.55
N ALA A 36 -8.13 9.04 7.14
CA ALA A 36 -7.82 8.02 8.10
C ALA A 36 -8.03 6.63 7.53
N CYS A 37 -7.04 6.14 6.83
CA CYS A 37 -7.10 4.79 6.32
C CYS A 37 -6.66 3.87 7.43
N THR A 38 -7.51 2.94 7.76
CA THR A 38 -7.31 2.01 8.83
C THR A 38 -6.09 1.11 8.64
N LEU A 39 -5.70 0.43 9.69
CA LEU A 39 -4.55 -0.47 9.69
C LEU A 39 -5.03 -1.86 9.40
N ASN A 40 -6.04 -1.93 8.55
CA ASN A 40 -6.64 -3.18 8.13
C ASN A 40 -5.62 -4.01 7.42
N CYS A 41 -5.36 -5.16 7.95
CA CYS A 41 -4.40 -6.05 7.40
C CYS A 41 -5.02 -6.79 6.23
N ASP A 42 -4.65 -6.39 5.03
CA ASP A 42 -5.17 -7.01 3.82
C ASP A 42 -4.16 -8.00 3.28
N PRO A 43 -4.36 -9.31 3.52
CA PRO A 43 -3.43 -10.37 3.10
C PRO A 43 -3.39 -10.58 1.58
N ARG A 44 -4.25 -9.86 0.86
CA ARG A 44 -4.25 -9.91 -0.60
C ARG A 44 -3.07 -9.09 -1.09
N ILE A 45 -2.64 -8.18 -0.25
CA ILE A 45 -1.55 -7.28 -0.52
C ILE A 45 -0.39 -7.65 0.38
N ALA A 46 0.76 -7.20 0.02
CA ALA A 46 1.94 -7.36 0.84
C ALA A 46 2.37 -5.98 1.29
N TYR A 47 2.63 -5.14 0.31
CA TYR A 47 3.04 -3.77 0.53
C TYR A 47 2.85 -2.99 -0.75
N GLY A 48 3.15 -1.72 -0.71
CA GLY A 48 3.05 -0.91 -1.88
C GLY A 48 4.41 -0.74 -2.47
N VAL A 49 4.61 -1.23 -3.67
CA VAL A 49 5.89 -1.19 -4.31
C VAL A 49 5.91 -0.12 -5.39
N CYS A 50 6.83 0.79 -5.26
CA CYS A 50 7.07 1.76 -6.30
C CYS A 50 8.22 1.21 -7.13
N PRO A 51 7.92 0.69 -8.33
CA PRO A 51 8.90 0.02 -9.18
C PRO A 51 9.89 0.98 -9.84
N ARG A 52 10.71 0.42 -10.73
CA ARG A 52 11.75 1.15 -11.43
C ARG A 52 11.15 1.97 -12.59
N SER A 53 9.90 1.69 -12.87
CA SER A 53 9.16 2.38 -13.89
C SER A 53 7.68 2.37 -13.49
#